data_2ZTU
#
_entry.id   2ZTU
#
_cell.length_a   73.115
_cell.length_b   106.609
_cell.length_c   164.849
_cell.angle_alpha   90.00
_cell.angle_beta   90.00
_cell.angle_gamma   90.00
#
_symmetry.space_group_name_H-M   'P 21 21 21'
#
loop_
_entity.id
_entity.type
_entity.pdbx_description
1 polymer 'D(-)-3-hydroxybutyrate dehydrogenase'
2 non-polymer NICOTINAMIDE-ADENINE-DINUCLEOTIDE
3 non-polymer 'MAGNESIUM ION'
4 water water
#
_entity_poly.entity_id   1
_entity_poly.type   'polypeptide(L)'
_entity_poly.pdbx_seq_one_letter_code
;MLKGKVAVVTGSTSGIGLGIATALAAQGADIVLNGFGDAAEIEKVRAGLAAQHGVKVLYDGADLSKGEAVRGLVDNAVRQ
MGRIDILVNNAGIQHTALIEDFPTEKWDAILALNLSAVFHGTAAALPHMKKQGFGRIINIASAHGLVASANKSAYVAAKH
GVVGFTKVTALETAGQGITANAICPGWVRAPLVEKQISALAEKNGVDQETAARELLSEKQPSLQFVTPEQLGGTAVFLAS
DAAAQITGTTVSVDGGWTAR
;
_entity_poly.pdbx_strand_id   A,B,C,D
#
loop_
_chem_comp.id
_chem_comp.type
_chem_comp.name
_chem_comp.formula
MG non-polymer 'MAGNESIUM ION' 'Mg 2'
NAD non-polymer NICOTINAMIDE-ADENINE-DINUCLEOTIDE 'C21 H27 N7 O14 P2'
#
# COMPACT_ATOMS: atom_id res chain seq x y z
N MET A 1 -15.26 -7.64 -28.73
CA MET A 1 -15.65 -6.52 -29.62
C MET A 1 -16.44 -5.44 -28.88
N LEU A 2 -16.38 -4.22 -29.40
CA LEU A 2 -17.07 -3.10 -28.79
C LEU A 2 -17.99 -2.42 -29.81
N LYS A 3 -18.47 -3.19 -30.78
CA LYS A 3 -19.37 -2.67 -31.81
C LYS A 3 -20.51 -1.90 -31.18
N GLY A 4 -20.83 -0.74 -31.73
CA GLY A 4 -21.92 0.07 -31.20
C GLY A 4 -21.54 0.87 -29.98
N LYS A 5 -20.30 0.74 -29.52
CA LYS A 5 -19.85 1.48 -28.36
C LYS A 5 -19.04 2.71 -28.74
N VAL A 6 -19.15 3.75 -27.91
CA VAL A 6 -18.44 4.99 -28.14
C VAL A 6 -17.42 5.24 -27.03
N ALA A 7 -16.17 5.47 -27.42
CA ALA A 7 -15.12 5.73 -26.46
C ALA A 7 -14.49 7.10 -26.69
N VAL A 8 -14.25 7.81 -25.58
CA VAL A 8 -13.61 9.11 -25.64
C VAL A 8 -12.26 8.94 -24.96
N VAL A 9 -11.19 9.30 -25.66
CA VAL A 9 -9.84 9.19 -25.11
C VAL A 9 -9.18 10.57 -25.10
N THR A 10 -8.91 11.09 -23.91
CA THR A 10 -8.27 12.39 -23.81
C THR A 10 -6.81 12.22 -24.15
N GLY A 11 -6.22 13.23 -24.78
CA GLY A 11 -4.82 13.16 -25.15
C GLY A 11 -4.50 11.94 -25.99
N SER A 12 -5.36 11.69 -26.98
CA SER A 12 -5.20 10.56 -27.88
C SER A 12 -4.55 10.90 -29.23
N THR A 13 -4.01 12.12 -29.36
CA THR A 13 -3.39 12.51 -30.62
C THR A 13 -1.97 11.97 -30.76
N SER A 14 -1.49 11.30 -29.72
CA SER A 14 -0.14 10.75 -29.76
C SER A 14 0.14 9.82 -28.59
N GLY A 15 1.32 9.20 -28.62
CA GLY A 15 1.75 8.31 -27.55
C GLY A 15 0.75 7.29 -27.04
N ILE A 16 0.67 7.20 -25.72
CA ILE A 16 -0.23 6.26 -25.05
C ILE A 16 -1.70 6.42 -25.43
N GLY A 17 -2.18 7.64 -25.46
CA GLY A 17 -3.57 7.87 -25.79
C GLY A 17 -3.92 7.36 -27.18
N LEU A 18 -3.04 7.62 -28.15
CA LEU A 18 -3.26 7.17 -29.52
C LEU A 18 -3.23 5.65 -29.58
N GLY A 19 -2.33 5.06 -28.79
CA GLY A 19 -2.24 3.61 -28.77
C GLY A 19 -3.51 3.01 -28.24
N ILE A 20 -4.13 3.69 -27.27
CA ILE A 20 -5.39 3.19 -26.69
C ILE A 20 -6.59 3.44 -27.60
N ALA A 21 -6.63 4.60 -28.25
CA ALA A 21 -7.74 4.91 -29.16
C ALA A 21 -7.71 3.93 -30.33
N THR A 22 -6.52 3.67 -30.83
CA THR A 22 -6.33 2.74 -31.94
C THR A 22 -6.80 1.34 -31.58
N ALA A 23 -6.31 0.84 -30.45
CA ALA A 23 -6.68 -0.49 -29.98
C ALA A 23 -8.19 -0.62 -29.80
N LEU A 24 -8.84 0.43 -29.31
CA LEU A 24 -10.28 0.41 -29.12
C LEU A 24 -11.04 0.48 -30.46
N ALA A 25 -10.43 1.13 -31.45
CA ALA A 25 -11.06 1.24 -32.75
C ALA A 25 -11.02 -0.13 -33.43
N ALA A 26 -9.91 -0.84 -33.25
CA ALA A 26 -9.73 -2.16 -33.82
C ALA A 26 -10.72 -3.15 -33.23
N GLN A 27 -11.46 -2.71 -32.21
CA GLN A 27 -12.45 -3.56 -31.56
C GLN A 27 -13.86 -3.15 -31.99
N GLY A 28 -13.93 -2.21 -32.93
CA GLY A 28 -15.22 -1.77 -33.43
C GLY A 28 -15.86 -0.60 -32.72
N ALA A 29 -15.16 -0.01 -31.76
CA ALA A 29 -15.73 1.12 -31.03
C ALA A 29 -15.56 2.42 -31.82
N ASP A 30 -16.56 3.29 -31.74
CA ASP A 30 -16.47 4.60 -32.39
C ASP A 30 -15.53 5.37 -31.48
N ILE A 31 -14.80 6.35 -32.03
CA ILE A 31 -13.85 7.09 -31.22
C ILE A 31 -13.93 8.61 -31.31
N VAL A 32 -13.59 9.26 -30.21
CA VAL A 32 -13.54 10.70 -30.14
C VAL A 32 -12.10 11.00 -29.69
N LEU A 33 -11.31 11.53 -30.59
CA LEU A 33 -9.93 11.86 -30.31
C LEU A 33 -9.87 13.24 -29.68
N ASN A 34 -8.78 13.52 -28.97
CA ASN A 34 -8.60 14.80 -28.31
C ASN A 34 -7.11 14.99 -28.07
N GLY A 35 -6.69 16.24 -28.01
CA GLY A 35 -5.28 16.51 -27.79
C GLY A 35 -4.73 17.50 -28.78
N PHE A 36 -3.46 17.85 -28.60
CA PHE A 36 -2.81 18.81 -29.47
C PHE A 36 -1.74 18.22 -30.38
N GLY A 37 -0.99 19.09 -31.06
CA GLY A 37 0.03 18.65 -31.99
C GLY A 37 -0.21 19.31 -33.34
N ASP A 38 0.15 18.62 -34.42
CA ASP A 38 -0.03 19.16 -35.77
C ASP A 38 -1.40 18.81 -36.32
N ALA A 39 -2.17 19.84 -36.68
CA ALA A 39 -3.52 19.66 -37.23
C ALA A 39 -3.61 18.71 -38.41
N ALA A 40 -2.74 18.87 -39.40
CA ALA A 40 -2.73 18.00 -40.57
C ALA A 40 -2.48 16.55 -40.18
N GLU A 41 -1.55 16.35 -39.25
CA GLU A 41 -1.24 15.00 -38.79
C GLU A 41 -2.42 14.43 -38.01
N ILE A 42 -3.06 15.27 -37.21
CA ILE A 42 -4.22 14.84 -36.44
C ILE A 42 -5.34 14.39 -37.38
N GLU A 43 -5.56 15.14 -38.45
CA GLU A 43 -6.61 14.78 -39.41
C GLU A 43 -6.25 13.44 -40.07
N LYS A 44 -4.99 13.30 -40.48
CA LYS A 44 -4.54 12.07 -41.11
C LYS A 44 -4.84 10.90 -40.17
N VAL A 45 -4.49 11.06 -38.90
CA VAL A 45 -4.73 10.03 -37.90
C VAL A 45 -6.23 9.72 -37.78
N ARG A 46 -7.03 10.76 -37.58
CA ARG A 46 -8.48 10.61 -37.42
C ARG A 46 -9.16 9.91 -38.60
N ALA A 47 -8.89 10.39 -39.81
CA ALA A 47 -9.47 9.80 -41.01
C ALA A 47 -8.91 8.40 -41.22
N GLY A 48 -7.62 8.25 -40.93
CA GLY A 48 -6.96 6.95 -41.09
C GLY A 48 -7.55 5.83 -40.25
N LEU A 49 -7.93 6.15 -39.02
CA LEU A 49 -8.50 5.15 -38.12
C LEU A 49 -9.93 4.79 -38.53
N ALA A 50 -10.70 5.81 -38.88
CA ALA A 50 -12.09 5.62 -39.29
C ALA A 50 -12.18 4.72 -40.51
N ALA A 51 -11.33 4.96 -41.49
CA ALA A 51 -11.32 4.18 -42.72
C ALA A 51 -10.76 2.79 -42.50
N GLN A 52 -9.65 2.71 -41.78
CA GLN A 52 -8.99 1.44 -41.54
C GLN A 52 -9.74 0.48 -40.62
N HIS A 53 -10.63 1.00 -39.78
CA HIS A 53 -11.37 0.14 -38.86
C HIS A 53 -12.89 0.17 -39.04
N GLY A 54 -13.36 1.03 -39.95
CA GLY A 54 -14.78 1.12 -40.19
C GLY A 54 -15.61 1.59 -39.02
N VAL A 55 -15.19 2.71 -38.42
CA VAL A 55 -15.90 3.27 -37.29
C VAL A 55 -15.90 4.80 -37.41
N LYS A 56 -16.80 5.46 -36.69
CA LYS A 56 -16.86 6.91 -36.74
C LYS A 56 -15.78 7.46 -35.80
N VAL A 57 -14.90 8.31 -36.33
CA VAL A 57 -13.85 8.92 -35.53
C VAL A 57 -13.96 10.43 -35.63
N LEU A 58 -14.13 11.08 -34.49
CA LEU A 58 -14.27 12.52 -34.42
C LEU A 58 -13.07 13.10 -33.67
N TYR A 59 -12.81 14.40 -33.88
CA TYR A 59 -11.72 15.07 -33.18
C TYR A 59 -12.27 16.29 -32.45
N ASP A 60 -11.95 16.39 -31.17
CA ASP A 60 -12.39 17.53 -30.36
C ASP A 60 -11.14 18.05 -29.67
N GLY A 61 -10.68 19.24 -30.09
CA GLY A 61 -9.49 19.82 -29.51
C GLY A 61 -9.68 20.59 -28.21
N ALA A 62 -10.64 20.19 -27.39
CA ALA A 62 -10.88 20.89 -26.12
C ALA A 62 -9.61 20.94 -25.28
N ASP A 63 -9.37 22.09 -24.64
CA ASP A 63 -8.19 22.28 -23.79
C ASP A 63 -8.62 21.79 -22.41
N LEU A 64 -8.15 20.61 -22.03
CA LEU A 64 -8.57 20.01 -20.77
C LEU A 64 -8.08 20.61 -19.46
N SER A 65 -7.37 21.73 -19.54
CA SER A 65 -6.93 22.39 -18.31
C SER A 65 -8.11 23.19 -17.77
N LYS A 66 -9.18 23.25 -18.55
CA LYS A 66 -10.37 23.99 -18.15
C LYS A 66 -11.55 23.04 -17.88
N GLY A 67 -12.00 23.01 -16.63
CA GLY A 67 -13.09 22.14 -16.24
C GLY A 67 -14.31 22.13 -17.15
N GLU A 68 -14.81 23.30 -17.50
CA GLU A 68 -15.98 23.36 -18.37
C GLU A 68 -15.66 22.72 -19.71
N ALA A 69 -14.44 22.91 -20.18
CA ALA A 69 -14.03 22.35 -21.46
C ALA A 69 -14.03 20.81 -21.43
N VAL A 70 -13.67 20.22 -20.29
CA VAL A 70 -13.64 18.77 -20.17
C VAL A 70 -15.06 18.23 -20.21
N ARG A 71 -15.94 18.89 -19.48
CA ARG A 71 -17.34 18.48 -19.43
C ARG A 71 -17.95 18.64 -20.82
N GLY A 72 -17.53 19.68 -21.52
CA GLY A 72 -18.04 19.93 -22.87
C GLY A 72 -17.63 18.84 -23.84
N LEU A 73 -16.41 18.31 -23.66
CA LEU A 73 -15.91 17.25 -24.52
C LEU A 73 -16.80 16.01 -24.43
N VAL A 74 -17.16 15.65 -23.21
CA VAL A 74 -18.01 14.48 -23.00
C VAL A 74 -19.44 14.73 -23.47
N ASP A 75 -20.01 15.88 -23.14
CA ASP A 75 -21.37 16.18 -23.55
C ASP A 75 -21.50 16.26 -25.07
N ASN A 76 -20.54 16.90 -25.72
CA ASN A 76 -20.59 17.00 -27.18
C ASN A 76 -20.36 15.62 -27.79
N ALA A 77 -19.64 14.77 -27.07
CA ALA A 77 -19.37 13.43 -27.55
C ALA A 77 -20.67 12.63 -27.55
N VAL A 78 -21.53 12.91 -26.58
CA VAL A 78 -22.80 12.22 -26.50
C VAL A 78 -23.71 12.76 -27.60
N ARG A 79 -23.61 14.07 -27.87
CA ARG A 79 -24.42 14.70 -28.90
C ARG A 79 -24.08 14.19 -30.29
N GLN A 80 -22.80 14.27 -30.66
CA GLN A 80 -22.36 13.85 -31.99
C GLN A 80 -22.23 12.34 -32.19
N MET A 81 -21.88 11.61 -31.15
CA MET A 81 -21.71 10.17 -31.27
C MET A 81 -22.97 9.40 -30.86
N GLY A 82 -23.84 10.06 -30.11
CA GLY A 82 -25.06 9.43 -29.66
C GLY A 82 -24.98 8.73 -28.31
N ARG A 83 -23.78 8.44 -27.84
CA ARG A 83 -23.61 7.76 -26.56
C ARG A 83 -22.14 7.78 -26.13
N ILE A 84 -21.90 7.34 -24.90
CA ILE A 84 -20.54 7.26 -24.37
C ILE A 84 -20.47 6.03 -23.49
N ASP A 85 -19.68 5.05 -23.91
CA ASP A 85 -19.54 3.83 -23.16
C ASP A 85 -18.20 3.75 -22.45
N ILE A 86 -17.16 4.28 -23.09
CA ILE A 86 -15.82 4.23 -22.52
C ILE A 86 -15.19 5.62 -22.41
N LEU A 87 -14.65 5.91 -21.23
CA LEU A 87 -13.99 7.18 -20.99
C LEU A 87 -12.59 6.88 -20.52
N VAL A 88 -11.61 7.27 -21.33
CA VAL A 88 -10.21 7.06 -21.02
C VAL A 88 -9.58 8.43 -20.71
N ASN A 89 -9.35 8.69 -19.43
CA ASN A 89 -8.74 9.95 -19.01
C ASN A 89 -7.24 9.71 -19.04
N ASN A 90 -6.63 10.15 -20.13
CA ASN A 90 -5.21 9.95 -20.37
C ASN A 90 -4.33 11.20 -20.40
N ALA A 91 -4.87 12.30 -20.89
CA ALA A 91 -4.12 13.55 -21.01
C ALA A 91 -3.31 13.90 -19.75
N GLY A 92 -2.06 14.32 -19.97
CA GLY A 92 -1.19 14.68 -18.85
C GLY A 92 0.06 15.44 -19.24
N ILE A 93 0.63 16.16 -18.28
CA ILE A 93 1.85 16.93 -18.50
C ILE A 93 2.84 16.66 -17.36
N GLN A 94 4.06 17.15 -17.50
CA GLN A 94 5.09 16.91 -16.49
C GLN A 94 6.02 18.10 -16.30
N HIS A 95 6.65 18.17 -15.13
CA HIS A 95 7.62 19.21 -14.81
C HIS A 95 8.50 18.68 -13.67
N THR A 96 9.81 18.84 -13.78
CA THR A 96 10.72 18.36 -12.75
C THR A 96 11.50 19.47 -12.07
N ALA A 97 11.56 19.41 -10.75
CA ALA A 97 12.27 20.38 -9.94
C ALA A 97 12.12 20.01 -8.47
N LEU A 98 13.02 20.51 -7.63
CA LEU A 98 12.93 20.25 -6.20
C LEU A 98 11.67 20.98 -5.74
N ILE A 99 11.02 20.44 -4.70
CA ILE A 99 9.81 21.04 -4.17
C ILE A 99 9.96 22.54 -3.91
N GLU A 100 11.03 22.93 -3.22
CA GLU A 100 11.23 24.35 -2.92
C GLU A 100 11.44 25.21 -4.17
N ASP A 101 11.81 24.59 -5.29
CA ASP A 101 12.02 25.32 -6.55
C ASP A 101 10.86 25.12 -7.52
N PHE A 102 9.90 24.30 -7.14
CA PHE A 102 8.76 24.01 -8.00
C PHE A 102 7.83 25.20 -8.16
N PRO A 103 7.72 25.74 -9.39
CA PRO A 103 6.86 26.90 -9.66
C PRO A 103 5.38 26.62 -9.34
N THR A 104 4.74 27.51 -8.61
CA THR A 104 3.34 27.33 -8.27
C THR A 104 2.48 27.14 -9.51
N GLU A 105 2.83 27.86 -10.58
CA GLU A 105 2.10 27.78 -11.86
C GLU A 105 2.17 26.36 -12.43
N LYS A 106 3.33 25.71 -12.31
CA LYS A 106 3.47 24.33 -12.81
C LYS A 106 2.73 23.35 -11.90
N TRP A 107 2.78 23.56 -10.59
CA TRP A 107 2.05 22.71 -9.66
C TRP A 107 0.56 22.79 -10.00
N ASP A 108 0.04 24.00 -10.19
CA ASP A 108 -1.36 24.19 -10.52
C ASP A 108 -1.76 23.59 -11.86
N ALA A 109 -0.90 23.73 -12.86
CA ALA A 109 -1.19 23.20 -14.20
C ALA A 109 -1.21 21.69 -14.20
N ILE A 110 -0.31 21.06 -13.44
CA ILE A 110 -0.26 19.61 -13.38
C ILE A 110 -1.48 19.06 -12.64
N LEU A 111 -1.87 19.71 -11.55
CA LEU A 111 -3.04 19.24 -10.83
C LEU A 111 -4.29 19.42 -11.69
N ALA A 112 -4.38 20.56 -12.36
CA ALA A 112 -5.54 20.86 -13.20
C ALA A 112 -5.77 19.80 -14.26
N LEU A 113 -4.74 19.48 -15.02
CA LEU A 113 -4.85 18.50 -16.08
C LEU A 113 -4.75 17.03 -15.62
N ASN A 114 -3.68 16.72 -14.89
CA ASN A 114 -3.42 15.36 -14.45
C ASN A 114 -4.39 14.80 -13.42
N LEU A 115 -5.06 15.69 -12.69
CA LEU A 115 -6.01 15.23 -11.69
C LEU A 115 -7.42 15.78 -11.85
N SER A 116 -7.57 17.11 -11.84
CA SER A 116 -8.90 17.68 -11.94
C SER A 116 -9.66 17.33 -13.23
N ALA A 117 -8.95 17.17 -14.34
CA ALA A 117 -9.59 16.82 -15.60
C ALA A 117 -10.27 15.44 -15.48
N VAL A 118 -9.67 14.58 -14.66
CA VAL A 118 -10.23 13.25 -14.45
C VAL A 118 -11.56 13.39 -13.72
N PHE A 119 -11.65 14.36 -12.81
CA PHE A 119 -12.87 14.59 -12.06
C PHE A 119 -13.97 15.16 -12.96
N HIS A 120 -13.64 16.21 -13.71
CA HIS A 120 -14.60 16.83 -14.61
C HIS A 120 -15.11 15.87 -15.67
N GLY A 121 -14.20 15.10 -16.26
CA GLY A 121 -14.59 14.15 -17.28
C GLY A 121 -15.50 13.07 -16.72
N THR A 122 -15.14 12.57 -15.55
CA THR A 122 -15.92 11.53 -14.88
C THR A 122 -17.30 12.05 -14.48
N ALA A 123 -17.32 13.26 -13.92
CA ALA A 123 -18.57 13.88 -13.48
C ALA A 123 -19.58 14.02 -14.62
N ALA A 124 -19.09 14.40 -15.79
CA ALA A 124 -19.94 14.58 -16.96
C ALA A 124 -20.41 13.26 -17.56
N ALA A 125 -19.54 12.26 -17.53
CA ALA A 125 -19.86 10.95 -18.11
C ALA A 125 -20.80 10.08 -17.27
N LEU A 126 -20.66 10.15 -15.95
CA LEU A 126 -21.48 9.33 -15.06
C LEU A 126 -23.00 9.36 -15.26
N PRO A 127 -23.60 10.55 -15.36
CA PRO A 127 -25.06 10.59 -15.56
C PRO A 127 -25.51 9.74 -16.76
N HIS A 128 -24.71 9.76 -17.83
CA HIS A 128 -25.02 9.01 -19.05
C HIS A 128 -24.87 7.50 -18.83
N MET A 129 -23.72 7.11 -18.31
CA MET A 129 -23.42 5.70 -18.08
C MET A 129 -24.40 5.05 -17.09
N LYS A 130 -24.83 5.81 -16.10
CA LYS A 130 -25.77 5.28 -15.11
C LYS A 130 -27.12 5.04 -15.78
N LYS A 131 -27.56 5.99 -16.60
CA LYS A 131 -28.82 5.87 -17.30
C LYS A 131 -28.75 4.71 -18.29
N GLN A 132 -27.60 4.59 -18.97
CA GLN A 132 -27.38 3.51 -19.94
C GLN A 132 -27.32 2.16 -19.22
N GLY A 133 -26.85 2.19 -17.98
CA GLY A 133 -26.71 0.97 -17.22
C GLY A 133 -25.41 0.30 -17.60
N PHE A 134 -24.53 1.04 -18.26
CA PHE A 134 -23.22 0.54 -18.68
C PHE A 134 -22.18 1.64 -18.73
N GLY A 135 -20.94 1.29 -18.44
CA GLY A 135 -19.87 2.26 -18.46
C GLY A 135 -18.51 1.68 -18.10
N ARG A 136 -17.46 2.28 -18.67
CA ARG A 136 -16.10 1.86 -18.43
C ARG A 136 -15.21 3.09 -18.32
N ILE A 137 -14.76 3.40 -17.11
CA ILE A 137 -13.90 4.55 -16.91
C ILE A 137 -12.51 4.02 -16.67
N ILE A 138 -11.58 4.41 -17.53
CA ILE A 138 -10.20 3.96 -17.45
C ILE A 138 -9.25 5.16 -17.35
N ASN A 139 -8.68 5.33 -16.16
CA ASN A 139 -7.77 6.44 -15.91
C ASN A 139 -6.32 6.01 -16.06
N ILE A 140 -5.58 6.74 -16.89
CA ILE A 140 -4.17 6.43 -17.08
C ILE A 140 -3.37 7.21 -16.04
N ALA A 141 -3.00 6.53 -14.98
CA ALA A 141 -2.22 7.14 -13.90
C ALA A 141 -0.75 6.94 -14.20
N SER A 142 -0.07 6.15 -13.36
CA SER A 142 1.36 5.91 -13.52
C SER A 142 1.89 5.11 -12.34
N ALA A 143 3.08 4.55 -12.49
CA ALA A 143 3.70 3.81 -11.38
C ALA A 143 3.85 4.87 -10.28
N HIS A 144 3.94 6.13 -10.70
CA HIS A 144 4.08 7.26 -9.78
C HIS A 144 2.76 7.56 -9.08
N GLY A 145 1.77 6.72 -9.35
CA GLY A 145 0.48 6.86 -8.69
C GLY A 145 0.47 5.90 -7.51
N LEU A 146 1.54 5.11 -7.40
CA LEU A 146 1.68 4.11 -6.33
C LEU A 146 2.96 4.32 -5.50
N VAL A 147 4.00 4.85 -6.14
CA VAL A 147 5.27 5.13 -5.47
C VAL A 147 5.72 6.51 -5.92
N ALA A 148 6.86 6.98 -5.42
CA ALA A 148 7.33 8.29 -5.80
C ALA A 148 8.73 8.32 -6.38
N SER A 149 9.08 9.49 -6.91
CA SER A 149 10.40 9.78 -7.46
C SER A 149 10.72 11.21 -7.09
N ALA A 150 11.96 11.46 -6.74
CA ALA A 150 12.38 12.80 -6.36
C ALA A 150 12.18 13.76 -7.53
N ASN A 151 11.88 15.01 -7.19
CA ASN A 151 11.69 16.09 -8.16
C ASN A 151 10.44 16.05 -9.03
N LYS A 152 9.50 15.17 -8.69
CA LYS A 152 8.26 15.06 -9.45
C LYS A 152 7.06 15.15 -8.51
N SER A 153 7.13 16.08 -7.56
CA SER A 153 6.05 16.23 -6.58
C SER A 153 4.65 16.43 -7.13
N ALA A 154 4.45 17.42 -8.00
CA ALA A 154 3.10 17.66 -8.54
C ALA A 154 2.57 16.43 -9.27
N TYR A 155 3.42 15.83 -10.10
CA TYR A 155 3.03 14.67 -10.88
C TYR A 155 2.67 13.48 -10.01
N VAL A 156 3.51 13.18 -9.03
CA VAL A 156 3.25 12.06 -8.13
C VAL A 156 2.00 12.32 -7.29
N ALA A 157 1.86 13.54 -6.78
CA ALA A 157 0.67 13.88 -6.00
C ALA A 157 -0.60 13.71 -6.84
N ALA A 158 -0.57 14.20 -8.08
CA ALA A 158 -1.73 14.12 -8.96
C ALA A 158 -2.05 12.68 -9.34
N LYS A 159 -1.03 11.89 -9.63
CA LYS A 159 -1.24 10.50 -10.00
C LYS A 159 -1.83 9.73 -8.83
N HIS A 160 -1.29 9.95 -7.63
CA HIS A 160 -1.85 9.30 -6.45
C HIS A 160 -3.30 9.75 -6.33
N GLY A 161 -3.54 11.04 -6.51
CA GLY A 161 -4.90 11.56 -6.42
C GLY A 161 -5.84 10.85 -7.38
N VAL A 162 -5.33 10.54 -8.58
CA VAL A 162 -6.13 9.85 -9.59
C VAL A 162 -6.45 8.43 -9.11
N VAL A 163 -5.47 7.76 -8.51
CA VAL A 163 -5.69 6.41 -8.01
C VAL A 163 -6.80 6.44 -6.97
N GLY A 164 -6.74 7.42 -6.07
CA GLY A 164 -7.76 7.54 -5.05
C GLY A 164 -9.13 7.89 -5.61
N PHE A 165 -9.18 8.82 -6.56
CA PHE A 165 -10.44 9.24 -7.19
C PHE A 165 -11.10 8.07 -7.91
N THR A 166 -10.27 7.24 -8.54
CA THR A 166 -10.71 6.05 -9.26
C THR A 166 -11.41 5.10 -8.30
N LYS A 167 -10.87 4.97 -7.09
CA LYS A 167 -11.47 4.09 -6.10
C LYS A 167 -12.83 4.60 -5.67
N VAL A 168 -12.98 5.91 -5.51
CA VAL A 168 -14.26 6.50 -5.11
C VAL A 168 -15.28 6.37 -6.24
N THR A 169 -14.82 6.52 -7.47
CA THR A 169 -15.70 6.40 -8.63
C THR A 169 -16.28 4.99 -8.64
N ALA A 170 -15.41 4.01 -8.43
CA ALA A 170 -15.83 2.62 -8.43
C ALA A 170 -16.90 2.32 -7.38
N LEU A 171 -16.74 2.91 -6.20
CA LEU A 171 -17.67 2.69 -5.09
C LEU A 171 -19.03 3.38 -5.25
N GLU A 172 -19.05 4.49 -5.96
CA GLU A 172 -20.30 5.23 -6.16
C GLU A 172 -21.11 4.61 -7.28
N THR A 173 -20.46 3.80 -8.11
CA THR A 173 -21.11 3.16 -9.25
C THR A 173 -21.19 1.65 -9.11
N ALA A 174 -20.67 1.11 -8.00
CA ALA A 174 -20.66 -0.32 -7.76
C ALA A 174 -21.98 -1.02 -8.09
N GLY A 175 -21.89 -2.07 -8.90
CA GLY A 175 -23.07 -2.84 -9.27
C GLY A 175 -23.99 -2.25 -10.33
N GLN A 176 -23.68 -1.04 -10.82
CA GLN A 176 -24.54 -0.41 -11.82
C GLN A 176 -24.05 -0.66 -13.25
N GLY A 177 -23.30 -1.74 -13.44
CA GLY A 177 -22.79 -2.05 -14.76
C GLY A 177 -21.69 -1.10 -15.19
N ILE A 178 -21.13 -0.38 -14.23
CA ILE A 178 -20.06 0.59 -14.49
C ILE A 178 -18.83 0.25 -13.65
N THR A 179 -17.65 0.31 -14.26
CA THR A 179 -16.40 0.04 -13.53
C THR A 179 -15.40 1.16 -13.78
N ALA A 180 -14.60 1.47 -12.77
CA ALA A 180 -13.58 2.51 -12.89
C ALA A 180 -12.26 1.94 -12.39
N ASN A 181 -11.26 1.97 -13.26
CA ASN A 181 -9.95 1.43 -12.93
C ASN A 181 -8.84 2.36 -13.40
N ALA A 182 -7.63 2.11 -12.92
CA ALA A 182 -6.49 2.93 -13.31
C ALA A 182 -5.33 2.07 -13.76
N ILE A 183 -4.81 2.39 -14.94
CA ILE A 183 -3.67 1.68 -15.48
C ILE A 183 -2.47 2.52 -15.05
N CYS A 184 -1.45 1.87 -14.48
CA CYS A 184 -0.27 2.57 -14.01
C CYS A 184 0.97 2.10 -14.77
N PRO A 185 1.25 2.75 -15.91
CA PRO A 185 2.39 2.42 -16.76
C PRO A 185 3.75 2.82 -16.19
N GLY A 186 4.78 2.08 -16.60
CA GLY A 186 6.14 2.40 -16.21
C GLY A 186 6.69 3.23 -17.34
N TRP A 187 7.99 3.17 -17.61
CA TRP A 187 8.56 3.95 -18.70
C TRP A 187 8.03 3.55 -20.08
N VAL A 188 7.85 4.55 -20.94
CA VAL A 188 7.37 4.34 -22.30
C VAL A 188 8.20 5.22 -23.24
N ARG A 189 8.76 4.61 -24.27
CA ARG A 189 9.58 5.36 -25.24
C ARG A 189 8.80 5.59 -26.53
N LEU A 215 19.73 4.93 -19.20
CA LEU A 215 19.53 3.90 -18.19
C LEU A 215 18.06 3.80 -17.78
N LEU A 216 17.47 2.64 -18.04
CA LEU A 216 16.07 2.37 -17.71
C LEU A 216 16.13 1.44 -16.50
N SER A 217 17.35 1.08 -16.12
CA SER A 217 17.60 0.17 -15.01
C SER A 217 17.29 0.71 -13.63
N GLU A 218 17.28 2.04 -13.48
CA GLU A 218 17.01 2.65 -12.18
C GLU A 218 15.60 2.37 -11.65
N LYS A 219 14.63 2.29 -12.55
CA LYS A 219 13.24 2.08 -12.14
C LYS A 219 12.57 0.85 -12.72
N GLN A 220 12.93 0.51 -13.95
CA GLN A 220 12.32 -0.62 -14.64
C GLN A 220 13.26 -1.82 -14.82
N PRO A 221 13.09 -2.84 -13.96
CA PRO A 221 13.90 -4.07 -13.98
C PRO A 221 14.02 -4.74 -15.34
N SER A 222 12.88 -5.04 -15.97
CA SER A 222 12.86 -5.69 -17.28
C SER A 222 13.80 -5.02 -18.28
N LEU A 223 14.15 -3.77 -18.05
CA LEU A 223 15.03 -3.03 -18.95
C LEU A 223 14.37 -2.91 -20.32
N GLN A 224 13.05 -3.05 -20.36
CA GLN A 224 12.29 -2.95 -21.60
C GLN A 224 11.18 -1.92 -21.43
N PHE A 225 11.12 -0.95 -22.33
CA PHE A 225 10.07 0.07 -22.25
C PHE A 225 8.70 -0.53 -22.47
N VAL A 226 7.67 0.14 -21.95
CA VAL A 226 6.30 -0.30 -22.13
C VAL A 226 5.85 0.35 -23.44
N THR A 227 4.89 -0.25 -24.14
CA THR A 227 4.45 0.32 -25.42
C THR A 227 2.99 0.72 -25.47
N PRO A 228 2.65 1.70 -26.31
CA PRO A 228 1.27 2.16 -26.44
C PRO A 228 0.39 0.98 -26.84
N GLU A 229 0.95 0.06 -27.61
CA GLU A 229 0.21 -1.12 -28.05
C GLU A 229 -0.19 -1.97 -26.86
N GLN A 230 0.77 -2.27 -25.98
CA GLN A 230 0.50 -3.08 -24.80
C GLN A 230 -0.57 -2.38 -23.97
N LEU A 231 -0.37 -1.09 -23.72
CA LEU A 231 -1.34 -0.33 -22.94
C LEU A 231 -2.70 -0.34 -23.60
N GLY A 232 -2.73 -0.27 -24.93
CA GLY A 232 -4.00 -0.30 -25.63
C GLY A 232 -4.66 -1.64 -25.37
N GLY A 233 -3.89 -2.70 -25.47
CA GLY A 233 -4.44 -4.03 -25.22
C GLY A 233 -5.00 -4.16 -23.82
N THR A 234 -4.35 -3.52 -22.85
CA THR A 234 -4.80 -3.57 -21.47
C THR A 234 -6.13 -2.85 -21.33
N ALA A 235 -6.27 -1.71 -22.03
CA ALA A 235 -7.51 -0.95 -21.98
C ALA A 235 -8.66 -1.76 -22.58
N VAL A 236 -8.36 -2.51 -23.64
CA VAL A 236 -9.37 -3.35 -24.27
C VAL A 236 -9.89 -4.39 -23.28
N PHE A 237 -8.97 -5.00 -22.53
CA PHE A 237 -9.38 -6.01 -21.55
C PHE A 237 -10.30 -5.40 -20.49
N LEU A 238 -9.88 -4.28 -19.90
CA LEU A 238 -10.70 -3.63 -18.88
C LEU A 238 -12.06 -3.25 -19.46
N ALA A 239 -12.10 -3.02 -20.77
CA ALA A 239 -13.34 -2.65 -21.43
C ALA A 239 -14.19 -3.88 -21.74
N SER A 240 -13.56 -5.05 -21.77
CA SER A 240 -14.27 -6.30 -22.06
C SER A 240 -15.17 -6.75 -20.91
N ASP A 241 -15.96 -7.79 -21.16
CA ASP A 241 -16.88 -8.32 -20.15
C ASP A 241 -16.14 -9.26 -19.19
N ALA A 242 -14.94 -9.67 -19.57
CA ALA A 242 -14.15 -10.55 -18.73
C ALA A 242 -13.70 -9.78 -17.49
N ALA A 243 -13.75 -8.45 -17.59
CA ALA A 243 -13.35 -7.57 -16.50
C ALA A 243 -14.54 -6.83 -15.91
N ALA A 244 -15.71 -7.42 -16.02
CA ALA A 244 -16.94 -6.82 -15.50
C ALA A 244 -16.92 -6.60 -13.99
N GLN A 245 -16.10 -7.38 -13.29
CA GLN A 245 -16.02 -7.25 -11.84
C GLN A 245 -14.67 -6.71 -11.38
N ILE A 246 -13.94 -6.11 -12.32
CA ILE A 246 -12.66 -5.50 -12.02
C ILE A 246 -12.96 -4.01 -11.94
N THR A 247 -12.99 -3.48 -10.72
CA THR A 247 -13.31 -2.07 -10.53
C THR A 247 -12.72 -1.49 -9.25
N GLY A 248 -12.23 -0.27 -9.34
CA GLY A 248 -11.66 0.40 -8.19
C GLY A 248 -10.24 -0.08 -7.93
N THR A 249 -9.63 -0.66 -8.95
CA THR A 249 -8.27 -1.18 -8.81
C THR A 249 -7.31 -0.52 -9.77
N THR A 250 -6.02 -0.85 -9.61
CA THR A 250 -4.99 -0.34 -10.49
C THR A 250 -4.34 -1.55 -11.15
N VAL A 251 -3.93 -1.37 -12.39
CA VAL A 251 -3.27 -2.43 -13.15
C VAL A 251 -1.92 -1.87 -13.55
N SER A 252 -0.87 -2.38 -12.92
CA SER A 252 0.48 -1.93 -13.21
C SER A 252 1.11 -2.64 -14.41
N VAL A 253 1.55 -1.84 -15.37
CA VAL A 253 2.22 -2.32 -16.58
C VAL A 253 3.55 -1.61 -16.50
N ASP A 254 4.42 -2.08 -15.60
CA ASP A 254 5.70 -1.43 -15.37
C ASP A 254 6.95 -2.31 -15.36
N GLY A 255 6.83 -3.53 -15.89
CA GLY A 255 7.98 -4.41 -15.93
C GLY A 255 8.75 -4.55 -14.61
N GLY A 256 8.02 -4.71 -13.51
CA GLY A 256 8.66 -4.88 -12.22
C GLY A 256 9.00 -3.64 -11.40
N TRP A 257 8.64 -2.46 -11.92
CA TRP A 257 8.92 -1.20 -11.23
C TRP A 257 8.44 -1.21 -9.77
N THR A 258 7.14 -1.46 -9.59
CA THR A 258 6.55 -1.45 -8.26
C THR A 258 6.75 -2.73 -7.45
N ALA A 259 7.28 -3.77 -8.08
CA ALA A 259 7.52 -5.04 -7.41
C ALA A 259 8.60 -4.96 -6.33
N ARG A 260 9.66 -4.19 -6.61
CA ARG A 260 10.75 -4.04 -5.66
C ARG A 260 10.60 -2.74 -4.86
N VAL B 8 -0.48 -25.64 -17.93
CA VAL B 8 -0.75 -26.43 -16.70
C VAL B 8 -1.58 -25.63 -15.71
N VAL B 9 -2.69 -26.21 -15.26
CA VAL B 9 -3.55 -25.53 -14.29
C VAL B 9 -3.85 -26.46 -13.12
N THR B 10 -3.27 -26.16 -11.96
CA THR B 10 -3.48 -26.98 -10.78
C THR B 10 -4.90 -26.78 -10.26
N GLY B 11 -5.41 -27.76 -9.51
CA GLY B 11 -6.75 -27.66 -8.96
C GLY B 11 -7.81 -27.33 -10.00
N SER B 12 -7.50 -27.62 -11.27
CA SER B 12 -8.42 -27.35 -12.37
C SER B 12 -9.45 -28.46 -12.59
N THR B 13 -9.67 -29.27 -11.55
CA THR B 13 -10.64 -30.37 -11.65
C THR B 13 -12.06 -29.80 -11.59
N SER B 14 -12.18 -28.58 -11.08
CA SER B 14 -13.47 -27.91 -10.98
C SER B 14 -13.27 -26.45 -10.59
N GLY B 15 -14.37 -25.77 -10.30
CA GLY B 15 -14.31 -24.37 -9.90
C GLY B 15 -13.42 -23.51 -10.78
N ILE B 16 -12.87 -22.46 -10.19
CA ILE B 16 -12.00 -21.51 -10.90
C ILE B 16 -10.95 -22.22 -11.75
N GLY B 17 -10.31 -23.23 -11.18
CA GLY B 17 -9.30 -23.96 -11.93
C GLY B 17 -9.83 -24.45 -13.26
N LEU B 18 -11.08 -24.91 -13.26
CA LEU B 18 -11.71 -25.41 -14.47
C LEU B 18 -12.03 -24.23 -15.40
N GLY B 19 -12.54 -23.15 -14.80
CA GLY B 19 -12.86 -21.97 -15.57
C GLY B 19 -11.64 -21.46 -16.32
N ILE B 20 -10.51 -21.39 -15.62
CA ILE B 20 -9.27 -20.94 -16.24
C ILE B 20 -8.85 -21.94 -17.29
N ALA B 21 -8.89 -23.22 -16.92
CA ALA B 21 -8.52 -24.30 -17.83
C ALA B 21 -9.30 -24.14 -19.13
N THR B 22 -10.62 -24.01 -19.00
CA THR B 22 -11.50 -23.85 -20.14
C THR B 22 -11.05 -22.68 -21.01
N ALA B 23 -11.09 -21.48 -20.43
CA ALA B 23 -10.69 -20.26 -21.14
C ALA B 23 -9.39 -20.41 -21.92
N LEU B 24 -8.39 -21.05 -21.31
CA LEU B 24 -7.11 -21.25 -21.98
C LEU B 24 -7.24 -22.24 -23.12
N ALA B 25 -8.29 -23.04 -23.08
CA ALA B 25 -8.53 -24.03 -24.14
C ALA B 25 -9.04 -23.31 -25.38
N ALA B 26 -10.06 -22.48 -25.19
CA ALA B 26 -10.66 -21.72 -26.27
C ALA B 26 -9.66 -20.83 -27.00
N GLN B 27 -8.39 -20.85 -26.58
CA GLN B 27 -7.37 -20.05 -27.21
C GLN B 27 -6.36 -20.89 -27.99
N GLY B 28 -6.54 -22.21 -27.96
CA GLY B 28 -5.66 -23.09 -28.69
C GLY B 28 -4.33 -23.43 -28.05
N ALA B 29 -4.33 -23.58 -26.72
CA ALA B 29 -3.12 -23.93 -26.00
C ALA B 29 -3.31 -25.31 -25.36
N ASP B 30 -2.33 -26.19 -25.52
CA ASP B 30 -2.44 -27.53 -24.95
C ASP B 30 -2.50 -27.43 -23.43
N ILE B 31 -3.50 -28.09 -22.84
CA ILE B 31 -3.71 -28.06 -21.39
C ILE B 31 -3.30 -29.35 -20.67
N VAL B 32 -2.99 -29.19 -19.38
CA VAL B 32 -2.63 -30.30 -18.50
C VAL B 32 -3.43 -30.10 -17.22
N LEU B 33 -4.55 -30.80 -17.09
CA LEU B 33 -5.40 -30.68 -15.91
C LEU B 33 -4.75 -31.31 -14.69
N ASN B 34 -5.35 -31.07 -13.52
CA ASN B 34 -4.85 -31.60 -12.26
C ASN B 34 -5.88 -31.42 -11.15
N GLY B 35 -5.75 -32.21 -10.09
CA GLY B 35 -6.69 -32.10 -8.98
C GLY B 35 -7.15 -33.46 -8.48
N PHE B 36 -8.27 -33.46 -7.77
CA PHE B 36 -8.83 -34.69 -7.22
C PHE B 36 -10.33 -34.54 -6.96
N LEU B 58 -3.94 -33.28 -21.54
CA LEU B 58 -3.59 -34.40 -20.68
C LEU B 58 -4.15 -34.21 -19.27
N TYR B 59 -4.07 -35.26 -18.46
CA TYR B 59 -4.55 -35.20 -17.08
C TYR B 59 -3.55 -35.78 -16.11
N ASP B 60 -3.50 -35.20 -14.91
CA ASP B 60 -2.60 -35.64 -13.87
C ASP B 60 -3.37 -35.57 -12.56
N GLY B 61 -2.78 -36.06 -11.48
CA GLY B 61 -3.46 -36.05 -10.20
C GLY B 61 -2.52 -35.87 -9.04
N ALA B 62 -1.23 -35.65 -9.35
CA ALA B 62 -0.21 -35.47 -8.33
C ALA B 62 -0.74 -34.70 -7.13
N ASP B 63 -0.45 -35.20 -5.92
CA ASP B 63 -0.90 -34.56 -4.70
C ASP B 63 -0.04 -33.32 -4.46
N LEU B 64 -0.60 -32.16 -4.74
CA LEU B 64 0.11 -30.90 -4.60
C LEU B 64 0.55 -30.57 -3.17
N SER B 65 -0.01 -31.28 -2.19
CA SER B 65 0.36 -31.04 -0.80
C SER B 65 1.74 -31.62 -0.56
N LYS B 66 2.31 -32.20 -1.62
CA LYS B 66 3.63 -32.80 -1.54
C LYS B 66 4.52 -32.15 -2.59
N GLY B 67 5.53 -31.42 -2.13
CA GLY B 67 6.45 -30.77 -3.05
C GLY B 67 6.96 -31.72 -4.11
N GLU B 68 6.98 -33.00 -3.77
CA GLU B 68 7.42 -34.04 -4.67
C GLU B 68 6.52 -34.11 -5.90
N ALA B 69 5.23 -34.31 -5.65
CA ALA B 69 4.24 -34.40 -6.71
C ALA B 69 4.21 -33.12 -7.57
N VAL B 70 4.04 -31.98 -6.91
CA VAL B 70 3.99 -30.70 -7.61
C VAL B 70 5.12 -30.55 -8.62
N ARG B 71 6.36 -30.70 -8.17
CA ARG B 71 7.50 -30.58 -9.07
C ARG B 71 7.42 -31.60 -10.19
N GLY B 72 6.82 -32.75 -9.89
CA GLY B 72 6.69 -33.80 -10.90
C GLY B 72 5.70 -33.44 -11.99
N LEU B 73 4.48 -33.10 -11.58
CA LEU B 73 3.42 -32.72 -12.50
C LEU B 73 3.90 -31.74 -13.55
N VAL B 74 4.85 -30.89 -13.16
CA VAL B 74 5.40 -29.90 -14.10
C VAL B 74 6.31 -30.59 -15.11
N ASP B 75 7.33 -31.26 -14.63
CA ASP B 75 8.26 -31.96 -15.50
C ASP B 75 7.55 -33.03 -16.33
N ASN B 76 6.48 -33.60 -15.78
CA ASN B 76 5.72 -34.62 -16.47
C ASN B 76 4.93 -33.98 -17.61
N ALA B 77 4.71 -32.68 -17.49
CA ALA B 77 3.98 -31.94 -18.51
C ALA B 77 4.88 -31.69 -19.72
N VAL B 78 6.11 -31.23 -19.46
CA VAL B 78 7.05 -30.98 -20.55
C VAL B 78 7.42 -32.30 -21.22
N ARG B 79 7.26 -33.38 -20.46
CA ARG B 79 7.58 -34.70 -20.98
C ARG B 79 6.49 -35.17 -21.96
N GLN B 80 5.26 -35.26 -21.47
CA GLN B 80 4.15 -35.71 -22.31
C GLN B 80 3.49 -34.64 -23.17
N MET B 81 3.78 -33.37 -22.90
CA MET B 81 3.19 -32.27 -23.68
C MET B 81 4.21 -31.57 -24.58
N GLY B 82 5.49 -31.86 -24.37
CA GLY B 82 6.51 -31.23 -25.20
C GLY B 82 7.11 -29.96 -24.64
N ARG B 83 6.36 -29.27 -23.79
CA ARG B 83 6.82 -28.02 -23.19
C ARG B 83 5.75 -27.40 -22.30
N ILE B 84 6.11 -26.32 -21.62
CA ILE B 84 5.19 -25.61 -20.75
C ILE B 84 5.40 -24.11 -20.91
N ASP B 85 4.31 -23.38 -21.16
CA ASP B 85 4.39 -21.93 -21.35
C ASP B 85 3.59 -21.18 -20.29
N ILE B 86 2.53 -21.81 -19.79
CA ILE B 86 1.67 -21.18 -18.79
C ILE B 86 1.39 -22.06 -17.58
N LEU B 87 1.87 -21.62 -16.41
CA LEU B 87 1.66 -22.37 -15.18
C LEU B 87 0.72 -21.60 -14.26
N VAL B 88 -0.47 -22.15 -14.04
CA VAL B 88 -1.46 -21.51 -13.18
C VAL B 88 -1.60 -22.27 -11.87
N ASN B 89 -1.12 -21.67 -10.79
CA ASN B 89 -1.20 -22.28 -9.47
C ASN B 89 -2.50 -21.82 -8.80
N ASN B 90 -3.53 -22.67 -8.87
CA ASN B 90 -4.84 -22.36 -8.32
C ASN B 90 -5.24 -23.17 -7.09
N ALA B 91 -4.57 -24.29 -6.86
CA ALA B 91 -4.87 -25.16 -5.71
C ALA B 91 -4.78 -24.44 -4.36
N GLY B 92 -5.81 -24.62 -3.53
CA GLY B 92 -5.84 -24.00 -2.22
C GLY B 92 -7.04 -24.37 -1.37
N ILE B 93 -6.83 -24.54 -0.06
CA ILE B 93 -7.90 -24.90 0.87
C ILE B 93 -8.13 -23.81 1.92
N GLN B 94 -9.26 -23.89 2.61
CA GLN B 94 -9.63 -22.91 3.63
C GLN B 94 -10.08 -23.55 4.95
N HIS B 95 -9.88 -22.82 6.05
CA HIS B 95 -10.27 -23.25 7.38
C HIS B 95 -10.38 -22.03 8.27
N THR B 96 -11.55 -21.86 8.91
CA THR B 96 -11.76 -20.71 9.78
C THR B 96 -11.78 -21.08 11.25
N ALA B 97 -11.21 -20.20 12.08
CA ALA B 97 -11.14 -20.38 13.52
C ALA B 97 -10.20 -19.35 14.11
N LEU B 98 -10.51 -18.86 15.31
CA LEU B 98 -9.67 -17.89 15.99
C LEU B 98 -8.24 -18.41 15.99
N ILE B 99 -7.26 -17.51 16.01
CA ILE B 99 -5.87 -17.90 16.01
C ILE B 99 -5.50 -18.90 17.12
N GLU B 100 -5.96 -18.65 18.34
CA GLU B 100 -5.64 -19.55 19.46
C GLU B 100 -6.33 -20.92 19.38
N ASP B 101 -7.31 -21.06 18.50
CA ASP B 101 -8.03 -22.33 18.34
C ASP B 101 -7.67 -22.97 17.02
N PHE B 102 -6.92 -22.24 16.20
CA PHE B 102 -6.52 -22.73 14.89
C PHE B 102 -5.55 -23.90 15.04
N PRO B 103 -6.00 -25.11 14.68
CA PRO B 103 -5.18 -26.32 14.77
C PRO B 103 -3.89 -26.23 13.96
N THR B 104 -2.78 -26.58 14.60
CA THR B 104 -1.48 -26.56 13.93
C THR B 104 -1.56 -27.44 12.70
N GLU B 105 -2.43 -28.45 12.77
CA GLU B 105 -2.63 -29.39 11.69
C GLU B 105 -3.11 -28.60 10.46
N LYS B 106 -4.22 -27.90 10.64
CA LYS B 106 -4.80 -27.09 9.57
C LYS B 106 -3.82 -26.02 9.08
N TRP B 107 -3.26 -25.26 10.02
CA TRP B 107 -2.31 -24.22 9.66
C TRP B 107 -1.26 -24.72 8.70
N ASP B 108 -0.66 -25.87 9.01
CA ASP B 108 0.38 -26.43 8.17
C ASP B 108 -0.15 -26.92 6.82
N ALA B 109 -1.41 -27.35 6.80
CA ALA B 109 -2.03 -27.82 5.58
C ALA B 109 -2.31 -26.63 4.67
N ILE B 110 -3.00 -25.63 5.21
CA ILE B 110 -3.31 -24.43 4.45
C ILE B 110 -2.05 -23.81 3.88
N LEU B 111 -0.97 -23.84 4.66
CA LEU B 111 0.29 -23.28 4.21
C LEU B 111 0.93 -24.18 3.14
N ALA B 112 0.93 -25.48 3.41
CA ALA B 112 1.51 -26.45 2.49
C ALA B 112 0.98 -26.32 1.06
N LEU B 113 -0.35 -26.28 0.92
CA LEU B 113 -0.95 -26.17 -0.40
C LEU B 113 -1.04 -24.72 -0.88
N ASN B 114 -1.83 -23.91 -0.17
CA ASN B 114 -2.05 -22.51 -0.53
C ASN B 114 -0.79 -21.69 -0.82
N LEU B 115 0.36 -22.09 -0.28
CA LEU B 115 1.58 -21.32 -0.49
C LEU B 115 2.81 -22.09 -1.01
N SER B 116 3.22 -23.11 -0.26
CA SER B 116 4.40 -23.89 -0.63
C SER B 116 4.30 -24.51 -2.02
N ALA B 117 3.09 -24.90 -2.42
CA ALA B 117 2.88 -25.50 -3.73
C ALA B 117 3.31 -24.54 -4.84
N VAL B 118 3.03 -23.26 -4.64
CA VAL B 118 3.38 -22.25 -5.62
C VAL B 118 4.90 -22.21 -5.81
N PHE B 119 5.64 -22.44 -4.73
CA PHE B 119 7.09 -22.43 -4.77
C PHE B 119 7.61 -23.66 -5.51
N HIS B 120 7.01 -24.80 -5.24
CA HIS B 120 7.42 -26.04 -5.89
C HIS B 120 7.09 -25.96 -7.38
N GLY B 121 5.84 -25.67 -7.69
CA GLY B 121 5.42 -25.55 -9.08
C GLY B 121 6.30 -24.58 -9.86
N THR B 122 6.46 -23.38 -9.33
CA THR B 122 7.28 -22.35 -9.97
C THR B 122 8.73 -22.78 -10.12
N ALA B 123 9.26 -23.44 -9.10
CA ALA B 123 10.65 -23.89 -9.13
C ALA B 123 10.90 -24.87 -10.27
N ALA B 124 9.91 -25.69 -10.58
CA ALA B 124 10.05 -26.67 -11.64
C ALA B 124 9.77 -26.12 -13.04
N ALA B 125 9.12 -24.96 -13.11
CA ALA B 125 8.79 -24.38 -14.41
C ALA B 125 9.80 -23.36 -14.95
N LEU B 126 10.54 -22.72 -14.06
CA LEU B 126 11.52 -21.72 -14.47
C LEU B 126 12.65 -22.15 -15.40
N PRO B 127 13.34 -23.25 -15.06
CA PRO B 127 14.44 -23.70 -15.94
C PRO B 127 13.98 -23.89 -17.38
N HIS B 128 12.77 -24.42 -17.54
CA HIS B 128 12.20 -24.66 -18.86
C HIS B 128 11.87 -23.35 -19.56
N MET B 129 11.03 -22.53 -18.93
CA MET B 129 10.63 -21.26 -19.50
C MET B 129 11.83 -20.37 -19.83
N LYS B 130 12.79 -20.30 -18.93
CA LYS B 130 13.98 -19.48 -19.18
C LYS B 130 14.70 -19.94 -20.43
N LYS B 131 14.76 -21.25 -20.64
CA LYS B 131 15.42 -21.77 -21.82
C LYS B 131 14.55 -21.47 -23.04
N GLN B 132 13.24 -21.64 -22.87
CA GLN B 132 12.30 -21.37 -23.96
C GLN B 132 12.40 -19.91 -24.35
N GLY B 133 12.73 -19.06 -23.38
CA GLY B 133 12.84 -17.64 -23.62
C GLY B 133 11.46 -17.00 -23.52
N PHE B 134 10.52 -17.76 -22.96
CA PHE B 134 9.15 -17.31 -22.80
C PHE B 134 8.52 -18.00 -21.59
N GLY B 135 7.53 -17.35 -20.98
CA GLY B 135 6.87 -17.93 -19.83
C GLY B 135 5.83 -17.03 -19.20
N ARG B 136 4.79 -17.64 -18.64
CA ARG B 136 3.71 -16.91 -17.99
C ARG B 136 3.24 -17.63 -16.73
N ILE B 137 3.75 -17.20 -15.57
CA ILE B 137 3.36 -17.79 -14.31
C ILE B 137 2.19 -17.00 -13.73
N ILE B 138 1.06 -17.67 -13.52
CA ILE B 138 -0.13 -17.00 -13.00
C ILE B 138 -0.62 -17.64 -11.71
N ASN B 139 -0.32 -16.98 -10.59
CA ASN B 139 -0.73 -17.47 -9.28
C ASN B 139 -2.11 -16.96 -8.91
N ILE B 140 -2.96 -17.85 -8.42
CA ILE B 140 -4.30 -17.46 -8.03
C ILE B 140 -4.34 -17.25 -6.53
N ALA B 141 -4.05 -16.02 -6.12
CA ALA B 141 -4.05 -15.67 -4.71
C ALA B 141 -5.48 -15.45 -4.23
N SER B 142 -5.75 -14.23 -3.80
CA SER B 142 -7.06 -13.85 -3.29
C SER B 142 -7.00 -12.42 -2.81
N ALA B 143 -8.15 -11.83 -2.50
CA ALA B 143 -8.16 -10.47 -2.00
C ALA B 143 -7.46 -10.55 -0.64
N HIS B 144 -7.36 -11.76 -0.10
CA HIS B 144 -6.73 -12.00 1.19
C HIS B 144 -5.21 -12.06 1.11
N GLY B 145 -4.70 -11.70 -0.06
CA GLY B 145 -3.25 -11.66 -0.25
C GLY B 145 -2.88 -10.20 -0.18
N LEU B 146 -3.89 -9.34 -0.06
CA LEU B 146 -3.70 -7.89 0.01
C LEU B 146 -4.30 -7.31 1.30
N VAL B 147 -5.44 -7.88 1.72
CA VAL B 147 -6.11 -7.45 2.94
C VAL B 147 -6.42 -8.69 3.76
N ALA B 148 -7.08 -8.52 4.89
CA ALA B 148 -7.39 -9.66 5.74
C ALA B 148 -8.81 -9.69 6.28
N SER B 149 -9.18 -10.85 6.83
CA SER B 149 -10.49 -11.05 7.43
C SER B 149 -10.27 -11.88 8.70
N ALA B 150 -11.04 -11.57 9.74
CA ALA B 150 -10.91 -12.29 11.00
C ALA B 150 -11.16 -13.78 10.85
N ASN B 151 -10.41 -14.57 11.61
CA ASN B 151 -10.53 -16.02 11.63
C ASN B 151 -10.06 -16.78 10.40
N LYS B 152 -9.17 -16.17 9.62
CA LYS B 152 -8.62 -16.82 8.43
C LYS B 152 -7.11 -16.62 8.38
N SER B 153 -6.50 -16.61 9.57
CA SER B 153 -5.06 -16.40 9.71
C SER B 153 -4.17 -17.20 8.77
N ALA B 154 -4.38 -18.51 8.68
CA ALA B 154 -3.54 -19.33 7.81
C ALA B 154 -3.74 -19.02 6.33
N TYR B 155 -4.99 -18.82 5.92
CA TYR B 155 -5.30 -18.52 4.53
C TYR B 155 -4.79 -17.14 4.14
N VAL B 156 -5.16 -16.13 4.92
CA VAL B 156 -4.72 -14.76 4.66
C VAL B 156 -3.19 -14.72 4.61
N ALA B 157 -2.55 -15.39 5.56
CA ALA B 157 -1.09 -15.41 5.63
C ALA B 157 -0.42 -16.07 4.43
N ALA B 158 -0.97 -17.18 3.96
CA ALA B 158 -0.39 -17.88 2.81
C ALA B 158 -0.61 -17.06 1.55
N LYS B 159 -1.77 -16.41 1.46
CA LYS B 159 -2.09 -15.58 0.30
C LYS B 159 -1.12 -14.40 0.17
N HIS B 160 -0.89 -13.69 1.28
CA HIS B 160 0.06 -12.57 1.25
C HIS B 160 1.39 -13.16 0.83
N GLY B 161 1.66 -14.38 1.30
CA GLY B 161 2.90 -15.04 0.96
C GLY B 161 3.00 -15.24 -0.53
N VAL B 162 1.88 -15.61 -1.16
CA VAL B 162 1.86 -15.82 -2.60
C VAL B 162 2.20 -14.52 -3.33
N VAL B 163 1.54 -13.43 -2.92
CA VAL B 163 1.78 -12.12 -3.52
C VAL B 163 3.27 -11.78 -3.49
N GLY B 164 3.89 -11.98 -2.33
CA GLY B 164 5.31 -11.67 -2.20
C GLY B 164 6.17 -12.57 -3.06
N PHE B 165 5.83 -13.86 -3.07
CA PHE B 165 6.57 -14.84 -3.86
C PHE B 165 6.45 -14.47 -5.34
N THR B 166 5.25 -14.05 -5.74
CA THR B 166 5.00 -13.66 -7.13
C THR B 166 5.95 -12.55 -7.53
N LYS B 167 6.10 -11.55 -6.66
CA LYS B 167 6.97 -10.42 -6.93
C LYS B 167 8.44 -10.82 -7.07
N VAL B 168 8.89 -11.74 -6.23
CA VAL B 168 10.29 -12.18 -6.30
C VAL B 168 10.52 -12.90 -7.62
N THR B 169 9.54 -13.70 -8.02
CA THR B 169 9.62 -14.46 -9.26
C THR B 169 9.83 -13.52 -10.44
N ALA B 170 9.08 -12.43 -10.47
CA ALA B 170 9.18 -11.45 -11.55
C ALA B 170 10.55 -10.81 -11.62
N LEU B 171 11.07 -10.37 -10.47
CA LEU B 171 12.38 -9.72 -10.44
C LEU B 171 13.49 -10.64 -10.91
N GLU B 172 13.32 -11.94 -10.69
CA GLU B 172 14.33 -12.92 -11.09
C GLU B 172 14.17 -13.36 -12.54
N THR B 173 13.05 -13.01 -13.16
CA THR B 173 12.78 -13.38 -14.55
C THR B 173 12.61 -12.16 -15.45
N ALA B 174 12.64 -10.97 -14.84
CA ALA B 174 12.48 -9.71 -15.57
C ALA B 174 13.36 -9.59 -16.81
N GLY B 175 12.74 -9.31 -17.95
CA GLY B 175 13.48 -9.17 -19.19
C GLY B 175 13.87 -10.47 -19.86
N GLN B 176 13.35 -11.59 -19.36
CA GLN B 176 13.65 -12.89 -19.93
C GLN B 176 12.49 -13.46 -20.73
N GLY B 177 11.43 -12.69 -20.90
CA GLY B 177 10.29 -13.16 -21.65
C GLY B 177 9.28 -13.88 -20.77
N ILE B 178 9.53 -13.89 -19.46
CA ILE B 178 8.62 -14.53 -18.52
C ILE B 178 8.06 -13.51 -17.54
N THR B 179 6.77 -13.62 -17.24
CA THR B 179 6.17 -12.70 -16.28
C THR B 179 5.45 -13.52 -15.23
N ALA B 180 5.38 -12.97 -14.02
CA ALA B 180 4.71 -13.64 -12.91
C ALA B 180 3.77 -12.65 -12.26
N ASN B 181 2.49 -13.01 -12.20
CA ASN B 181 1.50 -12.14 -11.60
C ASN B 181 0.50 -12.95 -10.80
N ALA B 182 -0.23 -12.28 -9.91
CA ALA B 182 -1.20 -12.94 -9.07
C ALA B 182 -2.59 -12.34 -9.19
N ILE B 183 -3.57 -13.19 -9.46
CA ILE B 183 -4.95 -12.77 -9.58
C ILE B 183 -5.57 -12.91 -8.20
N CYS B 184 -6.15 -11.83 -7.71
CA CYS B 184 -6.76 -11.83 -6.38
C CYS B 184 -8.27 -11.64 -6.45
N PRO B 185 -9.01 -12.76 -6.55
CA PRO B 185 -10.47 -12.77 -6.63
C PRO B 185 -11.19 -12.48 -5.33
N GLY B 186 -12.44 -12.03 -5.46
CA GLY B 186 -13.29 -11.77 -4.32
C GLY B 186 -14.17 -12.99 -4.23
N TRP B 187 -15.43 -12.82 -3.81
CA TRP B 187 -16.34 -13.97 -3.72
C TRP B 187 -16.56 -14.53 -5.12
N VAL B 188 -16.57 -15.86 -5.22
CA VAL B 188 -16.78 -16.51 -6.51
C VAL B 188 -18.00 -17.42 -6.49
N GLU B 214 -28.45 -10.31 -0.45
CA GLU B 214 -27.01 -10.10 -0.58
C GLU B 214 -26.24 -10.69 0.60
N LEU B 215 -25.21 -11.48 0.28
CA LEU B 215 -24.39 -12.11 1.30
C LEU B 215 -22.95 -11.60 1.16
N LEU B 216 -22.70 -10.82 0.13
CA LEU B 216 -21.37 -10.28 -0.13
C LEU B 216 -21.33 -8.81 0.24
N SER B 217 -22.45 -8.31 0.74
CA SER B 217 -22.57 -6.91 1.13
C SER B 217 -21.38 -6.42 1.97
N GLU B 218 -20.89 -7.28 2.86
CA GLU B 218 -19.78 -6.91 3.73
C GLU B 218 -18.43 -6.73 3.03
N LYS B 219 -18.11 -7.62 2.10
CA LYS B 219 -16.84 -7.55 1.39
C LYS B 219 -16.89 -6.98 -0.02
N GLN B 220 -18.00 -7.21 -0.74
CA GLN B 220 -18.14 -6.74 -2.11
C GLN B 220 -19.24 -5.71 -2.34
N PRO B 221 -18.87 -4.45 -2.58
CA PRO B 221 -19.83 -3.36 -2.82
C PRO B 221 -20.62 -3.52 -4.12
N SER B 222 -20.05 -4.24 -5.08
CA SER B 222 -20.74 -4.45 -6.35
C SER B 222 -21.93 -5.36 -6.11
N LEU B 223 -21.86 -6.11 -5.02
CA LEU B 223 -22.92 -7.04 -4.65
C LEU B 223 -23.16 -8.05 -5.76
N GLN B 224 -22.09 -8.39 -6.48
CA GLN B 224 -22.17 -9.34 -7.59
C GLN B 224 -20.97 -10.28 -7.54
N PHE B 225 -21.21 -11.57 -7.75
CA PHE B 225 -20.14 -12.55 -7.70
C PHE B 225 -19.23 -12.50 -8.92
N VAL B 226 -18.00 -12.94 -8.71
CA VAL B 226 -17.00 -13.01 -9.78
C VAL B 226 -17.17 -14.41 -10.35
N THR B 227 -16.91 -14.59 -11.64
CA THR B 227 -17.09 -15.90 -12.25
C THR B 227 -15.79 -16.52 -12.73
N PRO B 228 -15.77 -17.85 -12.87
CA PRO B 228 -14.60 -18.61 -13.32
C PRO B 228 -14.13 -18.18 -14.71
N GLU B 229 -15.08 -17.79 -15.56
CA GLU B 229 -14.73 -17.36 -16.91
C GLU B 229 -14.10 -15.97 -16.89
N GLN B 230 -14.65 -15.07 -16.08
CA GLN B 230 -14.06 -13.73 -15.98
C GLN B 230 -12.63 -13.95 -15.55
N LEU B 231 -12.46 -14.80 -14.54
CA LEU B 231 -11.13 -15.11 -14.03
C LEU B 231 -10.34 -15.79 -15.13
N GLY B 232 -11.03 -16.59 -15.93
CA GLY B 232 -10.38 -17.28 -17.03
C GLY B 232 -9.90 -16.28 -18.06
N GLY B 233 -10.78 -15.35 -18.42
CA GLY B 233 -10.42 -14.32 -19.39
C GLY B 233 -9.25 -13.52 -18.85
N THR B 234 -9.31 -13.21 -17.56
CA THR B 234 -8.23 -12.45 -16.92
C THR B 234 -6.94 -13.21 -17.15
N ALA B 235 -6.98 -14.51 -16.87
CA ALA B 235 -5.81 -15.37 -17.05
C ALA B 235 -5.40 -15.34 -18.52
N VAL B 236 -6.40 -15.38 -19.41
CA VAL B 236 -6.13 -15.31 -20.84
C VAL B 236 -5.39 -14.02 -21.13
N PHE B 237 -5.91 -12.90 -20.61
CA PHE B 237 -5.27 -11.61 -20.81
C PHE B 237 -3.85 -11.61 -20.28
N LEU B 238 -3.67 -12.05 -19.04
CA LEU B 238 -2.34 -12.09 -18.45
C LEU B 238 -1.40 -12.91 -19.32
N ALA B 239 -1.94 -13.88 -20.04
CA ALA B 239 -1.13 -14.70 -20.92
C ALA B 239 -0.93 -14.00 -22.27
N SER B 240 -1.78 -13.03 -22.55
CA SER B 240 -1.72 -12.25 -23.80
C SER B 240 -0.36 -11.62 -24.04
N ASP B 241 -0.09 -11.28 -25.29
CA ASP B 241 1.18 -10.67 -25.65
C ASP B 241 1.13 -9.21 -25.20
N ALA B 242 -0.07 -8.74 -24.88
CA ALA B 242 -0.27 -7.38 -24.42
C ALA B 242 0.20 -7.20 -22.99
N ALA B 243 0.33 -8.33 -22.28
CA ALA B 243 0.77 -8.31 -20.88
C ALA B 243 2.26 -8.64 -20.77
N ALA B 244 2.99 -8.46 -21.86
CA ALA B 244 4.43 -8.74 -21.88
C ALA B 244 5.18 -7.97 -20.79
N GLN B 245 4.73 -6.76 -20.51
CA GLN B 245 5.39 -5.94 -19.49
C GLN B 245 4.62 -5.89 -18.17
N ILE B 246 3.60 -6.74 -18.03
CA ILE B 246 2.83 -6.80 -16.80
C ILE B 246 3.39 -7.95 -15.98
N THR B 247 4.28 -7.62 -15.04
CA THR B 247 4.89 -8.65 -14.21
C THR B 247 5.19 -8.18 -12.78
N GLY B 248 5.09 -9.11 -11.83
CA GLY B 248 5.36 -8.80 -10.45
C GLY B 248 4.25 -8.03 -9.76
N THR B 249 3.05 -8.07 -10.33
CA THR B 249 1.94 -7.35 -9.73
C THR B 249 0.72 -8.22 -9.53
N THR B 250 -0.29 -7.62 -8.91
CA THR B 250 -1.55 -8.31 -8.65
C THR B 250 -2.67 -7.68 -9.45
N VAL B 251 -3.69 -8.48 -9.75
CA VAL B 251 -4.86 -8.02 -10.47
C VAL B 251 -6.07 -8.38 -9.62
N SER B 252 -6.72 -7.38 -9.05
CA SER B 252 -7.88 -7.62 -8.20
C SER B 252 -9.20 -7.69 -8.96
N VAL B 253 -9.87 -8.83 -8.81
CA VAL B 253 -11.17 -9.07 -9.43
C VAL B 253 -12.06 -9.29 -8.22
N ASP B 254 -12.53 -8.22 -7.62
CA ASP B 254 -13.31 -8.33 -6.39
C ASP B 254 -14.49 -7.38 -6.27
N GLY B 255 -15.00 -6.89 -7.38
CA GLY B 255 -16.13 -5.98 -7.33
C GLY B 255 -15.97 -4.81 -6.37
N GLY B 256 -14.74 -4.35 -6.17
CA GLY B 256 -14.50 -3.23 -5.28
C GLY B 256 -14.18 -3.55 -3.84
N TRP B 257 -13.88 -4.81 -3.57
CA TRP B 257 -13.55 -5.27 -2.22
C TRP B 257 -12.43 -4.44 -1.59
N THR B 258 -11.26 -4.50 -2.21
CA THR B 258 -10.08 -3.81 -1.72
C THR B 258 -10.01 -2.30 -1.96
N ALA B 259 -10.98 -1.75 -2.67
CA ALA B 259 -10.99 -0.32 -2.96
C ALA B 259 -11.42 0.51 -1.76
N ARG B 260 -12.08 -0.12 -0.80
CA ARG B 260 -12.54 0.58 0.40
C ARG B 260 -11.89 0.01 1.65
N MET C 1 12.45 14.23 24.32
CA MET C 1 11.96 15.62 24.46
C MET C 1 12.31 16.45 23.22
N LEU C 2 11.72 17.63 23.11
CA LEU C 2 11.93 18.51 21.98
C LEU C 2 12.27 19.94 22.38
N LYS C 3 12.92 20.10 23.54
CA LYS C 3 13.30 21.43 24.02
C LYS C 3 14.21 22.11 23.01
N GLY C 4 14.02 23.42 22.84
CA GLY C 4 14.84 24.15 21.89
C GLY C 4 14.33 24.09 20.46
N LYS C 5 13.44 23.15 20.19
CA LYS C 5 12.90 23.00 18.84
C LYS C 5 11.62 23.82 18.65
N VAL C 6 11.31 24.13 17.39
CA VAL C 6 10.12 24.89 17.06
C VAL C 6 9.20 24.10 16.12
N ALA C 7 7.91 24.06 16.46
CA ALA C 7 6.96 23.34 15.63
C ALA C 7 5.81 24.24 15.18
N VAL C 8 5.48 24.17 13.90
CA VAL C 8 4.36 24.94 13.33
C VAL C 8 3.28 23.90 13.06
N VAL C 9 2.07 24.13 13.54
CA VAL C 9 0.97 23.19 13.33
C VAL C 9 -0.20 23.94 12.68
N THR C 10 -0.51 23.63 11.42
CA THR C 10 -1.62 24.30 10.76
C THR C 10 -2.95 23.78 11.31
N GLY C 11 -3.95 24.65 11.37
CA GLY C 11 -5.25 24.22 11.88
C GLY C 11 -5.18 23.65 13.29
N SER C 12 -4.41 24.30 14.15
CA SER C 12 -4.25 23.86 15.52
C SER C 12 -5.10 24.60 16.54
N THR C 13 -6.07 25.38 16.09
CA THR C 13 -6.92 26.11 17.04
C THR C 13 -7.97 25.22 17.67
N SER C 14 -8.08 24.00 17.17
CA SER C 14 -9.04 23.05 17.71
C SER C 14 -8.77 21.66 17.16
N GLY C 15 -9.53 20.70 17.67
CA GLY C 15 -9.44 19.32 17.21
C GLY C 15 -8.10 18.63 17.22
N ILE C 16 -7.87 17.85 16.18
CA ILE C 16 -6.63 17.09 16.03
C ILE C 16 -5.41 17.99 16.08
N GLY C 17 -5.47 19.11 15.36
CA GLY C 17 -4.34 20.03 15.34
C GLY C 17 -3.96 20.56 16.70
N LEU C 18 -4.96 20.91 17.52
CA LEU C 18 -4.70 21.39 18.86
C LEU C 18 -4.12 20.27 19.71
N GLY C 19 -4.60 19.05 19.49
CA GLY C 19 -4.09 17.91 20.24
C GLY C 19 -2.62 17.70 19.94
N ILE C 20 -2.25 17.87 18.68
CA ILE C 20 -0.87 17.71 18.26
C ILE C 20 0.01 18.84 18.81
N ALA C 21 -0.48 20.08 18.70
CA ALA C 21 0.28 21.23 19.21
C ALA C 21 0.51 21.08 20.72
N THR C 22 -0.50 20.59 21.42
CA THR C 22 -0.42 20.40 22.86
C THR C 22 0.64 19.37 23.21
N ALA C 23 0.61 18.22 22.53
CA ALA C 23 1.56 17.15 22.79
C ALA C 23 3.01 17.59 22.53
N LEU C 24 3.20 18.37 21.47
CA LEU C 24 4.53 18.88 21.13
C LEU C 24 5.00 19.90 22.16
N ALA C 25 4.09 20.75 22.60
CA ALA C 25 4.41 21.76 23.62
C ALA C 25 4.80 21.04 24.90
N ALA C 26 4.12 19.93 25.20
CA ALA C 26 4.42 19.17 26.40
C ALA C 26 5.80 18.52 26.34
N GLN C 27 6.40 18.49 25.16
CA GLN C 27 7.74 17.91 25.00
C GLN C 27 8.76 19.05 25.03
N GLY C 28 8.29 20.26 25.31
CA GLY C 28 9.17 21.40 25.40
C GLY C 28 9.41 22.15 24.09
N ALA C 29 8.65 21.84 23.06
CA ALA C 29 8.84 22.54 21.79
C ALA C 29 8.08 23.86 21.80
N ASP C 30 8.66 24.89 21.19
CA ASP C 30 7.99 26.17 21.07
C ASP C 30 6.97 25.94 19.97
N ILE C 31 5.82 26.60 20.06
CA ILE C 31 4.75 26.38 19.10
C ILE C 31 4.20 27.60 18.37
N VAL C 32 3.76 27.38 17.13
CA VAL C 32 3.11 28.41 16.35
C VAL C 32 1.75 27.81 16.01
N LEU C 33 0.70 28.39 16.59
CA LEU C 33 -0.66 27.92 16.36
C LEU C 33 -1.19 28.59 15.10
N ASN C 34 -2.22 28.01 14.52
CA ASN C 34 -2.83 28.54 13.30
C ASN C 34 -4.25 28.01 13.17
N GLY C 35 -5.09 28.75 12.48
CA GLY C 35 -6.47 28.32 12.31
C GLY C 35 -7.44 29.41 12.69
N PHE C 36 -8.73 29.12 12.51
CA PHE C 36 -9.77 30.09 12.82
C PHE C 36 -10.60 29.68 14.03
N GLY C 37 -11.61 30.50 14.33
CA GLY C 37 -12.46 30.24 15.47
C GLY C 37 -12.65 31.54 16.23
N ASP C 38 -12.97 31.45 17.52
CA ASP C 38 -13.17 32.64 18.33
C ASP C 38 -11.82 33.17 18.81
N ALA C 39 -11.55 34.44 18.50
CA ALA C 39 -10.27 35.06 18.87
C ALA C 39 -9.96 35.04 20.36
N ALA C 40 -10.96 35.23 21.21
CA ALA C 40 -10.72 35.23 22.65
C ALA C 40 -10.34 33.83 23.12
N GLU C 41 -11.05 32.83 22.62
CA GLU C 41 -10.78 31.45 23.00
C GLU C 41 -9.39 31.06 22.48
N ILE C 42 -9.05 31.52 21.28
CA ILE C 42 -7.74 31.21 20.70
C ILE C 42 -6.63 31.80 21.57
N GLU C 43 -6.79 33.05 21.99
CA GLU C 43 -5.78 33.69 22.82
C GLU C 43 -5.65 32.95 24.15
N LYS C 44 -6.76 32.43 24.66
CA LYS C 44 -6.75 31.71 25.91
C LYS C 44 -5.97 30.41 25.73
N VAL C 45 -6.18 29.74 24.60
CA VAL C 45 -5.44 28.51 24.35
C VAL C 45 -3.95 28.82 24.20
N ARG C 46 -3.62 29.83 23.40
CA ARG C 46 -2.23 30.22 23.18
C ARG C 46 -1.52 30.54 24.48
N ALA C 47 -2.09 31.45 25.25
CA ALA C 47 -1.53 31.87 26.52
C ALA C 47 -1.46 30.71 27.51
N GLY C 48 -2.48 29.86 27.47
CA GLY C 48 -2.54 28.71 28.37
C GLY C 48 -1.48 27.65 28.12
N LEU C 49 -1.22 27.36 26.85
CA LEU C 49 -0.21 26.37 26.52
C LEU C 49 1.17 26.85 26.91
N ALA C 50 1.45 28.12 26.62
CA ALA C 50 2.76 28.71 26.95
C ALA C 50 3.05 28.64 28.45
N ALA C 51 2.03 28.96 29.25
CA ALA C 51 2.16 28.96 30.71
C ALA C 51 2.23 27.55 31.27
N GLN C 52 1.32 26.69 30.84
CA GLN C 52 1.30 25.32 31.32
C GLN C 52 2.57 24.55 30.98
N HIS C 53 3.16 24.81 29.82
CA HIS C 53 4.34 24.07 29.42
C HIS C 53 5.66 24.83 29.44
N GLY C 54 5.61 26.11 29.75
CA GLY C 54 6.85 26.88 29.80
C GLY C 54 7.53 27.03 28.46
N VAL C 55 6.75 27.18 27.40
CA VAL C 55 7.29 27.35 26.07
C VAL C 55 6.70 28.59 25.41
N LYS C 56 7.29 29.05 24.33
CA LYS C 56 6.78 30.22 23.61
C LYS C 56 5.72 29.75 22.64
N VAL C 57 4.58 30.42 22.62
CA VAL C 57 3.50 30.04 21.71
C VAL C 57 2.97 31.30 21.02
N LEU C 58 3.00 31.28 19.69
CA LEU C 58 2.51 32.39 18.89
C LEU C 58 1.29 31.94 18.11
N TYR C 59 0.51 32.91 17.65
CA TYR C 59 -0.67 32.61 16.85
C TYR C 59 -0.53 33.36 15.54
N ASP C 60 -0.66 32.65 14.43
CA ASP C 60 -0.58 33.27 13.11
C ASP C 60 -1.88 32.87 12.41
N GLY C 61 -2.75 33.84 12.16
CA GLY C 61 -4.03 33.54 11.54
C GLY C 61 -4.07 33.39 10.03
N ALA C 62 -2.94 33.02 9.42
CA ALA C 62 -2.87 32.84 7.97
C ALA C 62 -3.99 31.97 7.40
N ASP C 63 -4.56 32.42 6.28
CA ASP C 63 -5.63 31.70 5.58
C ASP C 63 -4.91 30.74 4.64
N LEU C 64 -4.91 29.46 5.00
CA LEU C 64 -4.19 28.44 4.24
C LEU C 64 -4.70 28.10 2.85
N SER C 65 -5.81 28.71 2.44
CA SER C 65 -6.33 28.43 1.10
C SER C 65 -5.51 29.25 0.10
N LYS C 66 -4.67 30.14 0.61
CA LYS C 66 -3.83 30.98 -0.23
C LYS C 66 -2.38 30.54 -0.12
N GLY C 67 -1.80 30.14 -1.25
CA GLY C 67 -0.43 29.67 -1.28
C GLY C 67 0.60 30.57 -0.61
N GLU C 68 0.57 31.85 -0.96
CA GLU C 68 1.53 32.78 -0.37
C GLU C 68 1.35 32.94 1.12
N ALA C 69 0.11 32.83 1.61
CA ALA C 69 -0.12 32.97 3.03
C ALA C 69 0.48 31.76 3.78
N VAL C 70 0.40 30.58 3.17
CA VAL C 70 0.96 29.37 3.80
C VAL C 70 2.47 29.55 3.91
N ARG C 71 3.08 29.99 2.81
CA ARG C 71 4.52 30.20 2.77
C ARG C 71 4.94 31.30 3.74
N GLY C 72 4.07 32.29 3.89
CA GLY C 72 4.36 33.38 4.81
C GLY C 72 4.32 32.90 6.25
N LEU C 73 3.41 31.98 6.54
CA LEU C 73 3.27 31.42 7.89
C LEU C 73 4.58 30.77 8.31
N VAL C 74 5.15 29.96 7.43
CA VAL C 74 6.41 29.28 7.70
C VAL C 74 7.56 30.27 7.82
N ASP C 75 7.70 31.17 6.84
CA ASP C 75 8.78 32.13 6.88
C ASP C 75 8.69 33.08 8.07
N ASN C 76 7.48 33.39 8.52
CA ASN C 76 7.33 34.28 9.67
C ASN C 76 7.63 33.52 10.95
N ALA C 77 7.36 32.22 10.95
CA ALA C 77 7.62 31.38 12.11
C ALA C 77 9.11 31.43 12.33
N VAL C 78 9.85 31.29 11.24
CA VAL C 78 11.31 31.31 11.32
C VAL C 78 11.81 32.67 11.79
N ARG C 79 11.24 33.74 11.26
CA ARG C 79 11.65 35.08 11.67
C ARG C 79 11.41 35.32 13.16
N GLN C 80 10.24 34.92 13.64
CA GLN C 80 9.88 35.12 15.04
C GLN C 80 10.40 34.09 16.04
N MET C 81 10.38 32.80 15.67
CA MET C 81 10.83 31.74 16.57
C MET C 81 12.31 31.41 16.38
N GLY C 82 12.90 31.88 15.28
CA GLY C 82 14.31 31.64 15.01
C GLY C 82 14.70 30.39 14.22
N ARG C 83 13.73 29.50 13.96
CA ARG C 83 14.00 28.27 13.21
C ARG C 83 12.68 27.51 13.07
N ILE C 84 12.68 26.43 12.30
CA ILE C 84 11.48 25.61 12.16
C ILE C 84 11.92 24.16 12.04
N ASP C 85 11.72 23.40 13.11
CA ASP C 85 12.12 22.00 13.13
C ASP C 85 11.02 21.03 12.72
N ILE C 86 9.79 21.35 13.10
CA ILE C 86 8.65 20.50 12.81
C ILE C 86 7.52 21.24 12.12
N LEU C 87 7.01 20.68 11.02
CA LEU C 87 5.89 21.29 10.33
C LEU C 87 4.80 20.24 10.24
N VAL C 88 3.67 20.51 10.87
CA VAL C 88 2.57 19.57 10.82
C VAL C 88 1.51 20.22 9.94
N ASN C 89 1.28 19.65 8.77
CA ASN C 89 0.29 20.19 7.85
C ASN C 89 -0.99 19.43 8.16
N ASN C 90 -1.84 20.06 8.95
CA ASN C 90 -3.08 19.45 9.43
C ASN C 90 -4.43 20.00 8.97
N ALA C 91 -4.53 21.32 8.77
CA ALA C 91 -5.79 21.92 8.34
C ALA C 91 -6.43 21.20 7.16
N GLY C 92 -7.75 21.03 7.23
CA GLY C 92 -8.48 20.36 6.16
C GLY C 92 -9.97 20.61 6.23
N ILE C 93 -10.67 20.41 5.11
CA ILE C 93 -12.12 20.58 5.04
C ILE C 93 -12.74 19.41 4.29
N GLN C 94 -14.07 19.30 4.36
CA GLN C 94 -14.75 18.18 3.72
C GLN C 94 -16.08 18.57 3.07
N HIS C 95 -16.56 17.70 2.17
CA HIS C 95 -17.84 17.89 1.49
C HIS C 95 -18.26 16.55 0.91
N THR C 96 -19.50 16.15 1.19
CA THR C 96 -20.03 14.88 0.72
C THR C 96 -21.07 15.06 -0.40
N ALA C 97 -20.94 14.25 -1.45
CA ALA C 97 -21.86 14.30 -2.59
C ALA C 97 -21.38 13.36 -3.69
N LEU C 98 -22.31 12.92 -4.53
CA LEU C 98 -21.94 12.04 -5.64
C LEU C 98 -21.04 12.88 -6.53
N ILE C 99 -20.14 12.22 -7.26
CA ILE C 99 -19.22 12.90 -8.15
C ILE C 99 -19.88 13.83 -9.15
N GLU C 100 -20.99 13.38 -9.74
CA GLU C 100 -21.70 14.20 -10.73
C GLU C 100 -22.43 15.37 -10.08
N ASP C 101 -22.60 15.33 -8.76
CA ASP C 101 -23.28 16.42 -8.06
C ASP C 101 -22.29 17.24 -7.24
N PHE C 102 -21.02 16.83 -7.26
CA PHE C 102 -19.99 17.51 -6.50
C PHE C 102 -19.65 18.87 -7.11
N PRO C 103 -19.95 19.96 -6.38
CA PRO C 103 -19.68 21.32 -6.87
C PRO C 103 -18.20 21.56 -7.18
N THR C 104 -17.93 22.15 -8.35
CA THR C 104 -16.55 22.43 -8.72
C THR C 104 -15.88 23.33 -7.69
N GLU C 105 -16.66 24.24 -7.11
CA GLU C 105 -16.17 25.16 -6.10
C GLU C 105 -15.67 24.39 -4.87
N LYS C 106 -16.39 23.32 -4.51
CA LYS C 106 -16.03 22.50 -3.37
C LYS C 106 -14.83 21.60 -3.70
N TRP C 107 -14.77 21.13 -4.94
CA TRP C 107 -13.64 20.31 -5.36
C TRP C 107 -12.36 21.14 -5.27
N ASP C 108 -12.40 22.36 -5.82
CA ASP C 108 -11.24 23.25 -5.80
C ASP C 108 -10.81 23.65 -4.38
N ALA C 109 -11.78 23.93 -3.52
CA ALA C 109 -11.48 24.33 -2.15
C ALA C 109 -10.79 23.21 -1.35
N ILE C 110 -11.27 21.99 -1.53
CA ILE C 110 -10.72 20.83 -0.83
C ILE C 110 -9.30 20.54 -1.34
N LEU C 111 -9.11 20.60 -2.65
CA LEU C 111 -7.78 20.35 -3.19
C LEU C 111 -6.82 21.46 -2.72
N ALA C 112 -7.29 22.70 -2.70
CA ALA C 112 -6.43 23.81 -2.30
C ALA C 112 -5.93 23.72 -0.86
N LEU C 113 -6.80 23.37 0.07
CA LEU C 113 -6.42 23.28 1.47
C LEU C 113 -5.83 21.93 1.88
N ASN C 114 -6.53 20.85 1.54
CA ASN C 114 -6.12 19.50 1.90
C ASN C 114 -4.89 18.99 1.16
N LEU C 115 -4.57 19.57 0.01
CA LEU C 115 -3.40 19.11 -0.74
C LEU C 115 -2.40 20.21 -1.07
N SER C 116 -2.84 21.23 -1.80
CA SER C 116 -1.89 22.29 -2.16
C SER C 116 -1.23 23.01 -0.99
N ALA C 117 -1.94 23.17 0.12
CA ALA C 117 -1.34 23.84 1.28
C ALA C 117 -0.17 22.99 1.80
N VAL C 118 -0.23 21.68 1.61
CA VAL C 118 0.86 20.81 2.04
C VAL C 118 2.08 21.16 1.16
N PHE C 119 1.83 21.32 -0.14
CA PHE C 119 2.88 21.69 -1.08
C PHE C 119 3.52 23.02 -0.68
N HIS C 120 2.69 24.05 -0.53
CA HIS C 120 3.20 25.37 -0.18
C HIS C 120 3.93 25.40 1.16
N GLY C 121 3.37 24.76 2.18
CA GLY C 121 4.03 24.75 3.47
C GLY C 121 5.39 24.08 3.38
N THR C 122 5.41 22.90 2.79
CA THR C 122 6.63 22.11 2.61
C THR C 122 7.69 22.87 1.83
N ALA C 123 7.29 23.48 0.71
CA ALA C 123 8.22 24.23 -0.11
C ALA C 123 8.92 25.34 0.66
N ALA C 124 8.17 26.01 1.54
CA ALA C 124 8.73 27.11 2.31
C ALA C 124 9.59 26.62 3.46
N ALA C 125 9.25 25.46 4.00
CA ALA C 125 10.01 24.93 5.14
C ALA C 125 11.34 24.27 4.78
N LEU C 126 11.37 23.57 3.66
CA LEU C 126 12.55 22.84 3.25
C LEU C 126 13.89 23.57 3.23
N PRO C 127 13.95 24.80 2.66
CA PRO C 127 15.24 25.50 2.64
C PRO C 127 15.79 25.74 4.06
N HIS C 128 14.90 26.04 5.01
CA HIS C 128 15.30 26.27 6.40
C HIS C 128 15.77 24.97 7.04
N MET C 129 15.01 23.91 6.82
CA MET C 129 15.36 22.60 7.38
C MET C 129 16.67 22.06 6.82
N LYS C 130 16.89 22.23 5.53
CA LYS C 130 18.14 21.75 4.95
C LYS C 130 19.32 22.52 5.55
N LYS C 131 19.18 23.83 5.75
CA LYS C 131 20.26 24.59 6.33
C LYS C 131 20.47 24.19 7.80
N GLN C 132 19.39 23.77 8.45
CA GLN C 132 19.45 23.37 9.85
C GLN C 132 20.01 21.96 10.04
N GLY C 133 19.95 21.15 8.99
CA GLY C 133 20.41 19.77 9.10
C GLY C 133 19.39 18.97 9.90
N PHE C 134 18.21 19.56 10.10
CA PHE C 134 17.15 18.88 10.82
C PHE C 134 15.76 19.32 10.37
N GLY C 135 14.90 18.34 10.17
CA GLY C 135 13.54 18.64 9.77
C GLY C 135 12.60 17.47 9.95
N ARG C 136 11.35 17.78 10.31
CA ARG C 136 10.30 16.78 10.46
C ARG C 136 9.02 17.34 9.84
N ILE C 137 8.59 16.76 8.72
CA ILE C 137 7.34 17.20 8.10
C ILE C 137 6.35 16.09 8.44
N ILE C 138 5.28 16.45 9.10
CA ILE C 138 4.27 15.49 9.49
C ILE C 138 2.95 15.91 8.87
N ASN C 139 2.53 15.17 7.86
CA ASN C 139 1.29 15.48 7.16
C ASN C 139 0.16 14.64 7.68
N ILE C 140 -0.91 15.31 8.10
CA ILE C 140 -2.08 14.60 8.61
C ILE C 140 -3.00 14.31 7.43
N ALA C 141 -2.93 13.08 6.94
CA ALA C 141 -3.73 12.66 5.80
C ALA C 141 -5.03 12.03 6.29
N SER C 142 -5.17 10.74 6.05
CA SER C 142 -6.37 10.01 6.45
C SER C 142 -6.28 8.59 5.95
N ALA C 143 -7.14 7.73 6.47
CA ALA C 143 -7.20 6.36 6.01
C ALA C 143 -7.65 6.50 4.55
N HIS C 144 -8.27 7.63 4.25
CA HIS C 144 -8.74 7.92 2.89
C HIS C 144 -7.62 8.34 1.96
N GLY C 145 -6.40 8.27 2.47
CA GLY C 145 -5.24 8.57 1.65
C GLY C 145 -4.72 7.23 1.17
N LEU C 146 -5.26 6.16 1.75
CA LEU C 146 -4.87 4.79 1.39
C LEU C 146 -6.03 4.00 0.77
N VAL C 147 -7.26 4.34 1.15
CA VAL C 147 -8.44 3.65 0.60
C VAL C 147 -9.52 4.69 0.33
N ALA C 148 -10.65 4.24 -0.20
CA ALA C 148 -11.74 5.16 -0.53
C ALA C 148 -13.09 4.87 0.13
N SER C 149 -13.94 5.89 0.08
CA SER C 149 -15.30 5.83 0.57
C SER C 149 -16.14 6.58 -0.45
N ALA C 150 -17.35 6.11 -0.70
CA ALA C 150 -18.22 6.75 -1.67
C ALA C 150 -18.65 8.14 -1.21
N ASN C 151 -18.84 9.04 -2.16
CA ASN C 151 -19.31 10.40 -1.89
C ASN C 151 -18.30 11.38 -1.30
N LYS C 152 -17.04 10.98 -1.26
CA LYS C 152 -15.97 11.83 -0.73
C LYS C 152 -14.82 11.90 -1.75
N SER C 153 -15.18 12.04 -3.02
CA SER C 153 -14.20 12.10 -4.11
C SER C 153 -13.07 13.10 -3.95
N ALA C 154 -13.40 14.36 -3.67
CA ALA C 154 -12.37 15.39 -3.52
C ALA C 154 -11.44 15.11 -2.33
N TYR C 155 -12.04 14.77 -1.20
CA TYR C 155 -11.28 14.49 0.03
C TYR C 155 -10.35 13.30 -0.17
N VAL C 156 -10.88 12.21 -0.73
CA VAL C 156 -10.08 11.02 -0.97
C VAL C 156 -8.95 11.32 -1.96
N ALA C 157 -9.27 12.02 -3.04
CA ALA C 157 -8.25 12.36 -4.03
C ALA C 157 -7.16 13.21 -3.39
N ALA C 158 -7.55 14.23 -2.64
CA ALA C 158 -6.57 15.12 -2.01
C ALA C 158 -5.69 14.39 -1.00
N LYS C 159 -6.29 13.52 -0.20
CA LYS C 159 -5.54 12.78 0.80
C LYS C 159 -4.57 11.80 0.16
N HIS C 160 -4.98 11.17 -0.94
CA HIS C 160 -4.08 10.26 -1.66
C HIS C 160 -2.92 11.11 -2.20
N GLY C 161 -3.26 12.30 -2.67
CA GLY C 161 -2.25 13.22 -3.19
C GLY C 161 -1.21 13.56 -2.14
N VAL C 162 -1.67 13.72 -0.90
CA VAL C 162 -0.78 14.05 0.21
C VAL C 162 0.18 12.89 0.51
N VAL C 163 -0.33 11.67 0.45
CA VAL C 163 0.52 10.51 0.72
C VAL C 163 1.62 10.46 -0.35
N GLY C 164 1.24 10.69 -1.61
CA GLY C 164 2.23 10.68 -2.68
C GLY C 164 3.25 11.81 -2.55
N PHE C 165 2.76 13.00 -2.23
CA PHE C 165 3.62 14.17 -2.06
C PHE C 165 4.61 13.93 -0.92
N THR C 166 4.11 13.31 0.15
CA THR C 166 4.94 12.98 1.32
C THR C 166 6.13 12.09 0.89
N LYS C 167 5.85 11.11 0.05
CA LYS C 167 6.89 10.22 -0.44
C LYS C 167 7.95 10.98 -1.22
N VAL C 168 7.51 11.88 -2.11
CA VAL C 168 8.46 12.66 -2.88
C VAL C 168 9.29 13.55 -1.96
N THR C 169 8.64 14.15 -0.96
CA THR C 169 9.32 15.01 0.00
C THR C 169 10.43 14.20 0.68
N ALA C 170 10.09 12.98 1.08
CA ALA C 170 11.08 12.12 1.75
C ALA C 170 12.27 11.80 0.84
N LEU C 171 11.99 11.49 -0.42
CA LEU C 171 13.05 11.14 -1.36
C LEU C 171 13.99 12.30 -1.68
N GLU C 172 13.46 13.52 -1.71
CA GLU C 172 14.29 14.68 -2.03
C GLU C 172 15.15 15.12 -0.85
N THR C 173 14.79 14.69 0.35
CA THR C 173 15.51 15.09 1.56
C THR C 173 16.23 13.95 2.26
N ALA C 174 16.14 12.74 1.70
CA ALA C 174 16.76 11.57 2.30
C ALA C 174 18.23 11.79 2.68
N GLY C 175 18.57 11.43 3.91
CA GLY C 175 19.94 11.59 4.38
C GLY C 175 20.34 12.98 4.83
N GLN C 176 19.47 13.96 4.65
CA GLN C 176 19.78 15.32 5.06
C GLN C 176 19.30 15.70 6.47
N GLY C 177 18.95 14.69 7.26
CA GLY C 177 18.48 14.93 8.62
C GLY C 177 17.03 15.36 8.69
N ILE C 178 16.31 15.15 7.58
CA ILE C 178 14.91 15.54 7.45
C ILE C 178 14.08 14.31 7.08
N THR C 179 12.92 14.15 7.68
CA THR C 179 12.02 13.05 7.31
C THR C 179 10.65 13.65 7.01
N ALA C 180 9.87 12.93 6.21
CA ALA C 180 8.52 13.36 5.85
C ALA C 180 7.64 12.13 5.92
N ASN C 181 6.56 12.21 6.71
CA ASN C 181 5.66 11.08 6.85
C ASN C 181 4.23 11.56 6.97
N ALA C 182 3.29 10.66 6.72
CA ALA C 182 1.89 11.02 6.79
C ALA C 182 1.13 10.17 7.79
N ILE C 183 0.50 10.81 8.76
CA ILE C 183 -0.30 10.11 9.75
C ILE C 183 -1.69 10.02 9.09
N CYS C 184 -2.26 8.82 9.07
CA CYS C 184 -3.56 8.59 8.45
C CYS C 184 -4.58 8.10 9.47
N PRO C 185 -5.31 9.03 10.10
CA PRO C 185 -6.32 8.70 11.11
C PRO C 185 -7.62 8.08 10.60
N GLY C 186 -8.25 7.31 11.47
CA GLY C 186 -9.54 6.70 11.18
C GLY C 186 -10.49 7.71 11.78
N TRP C 187 -11.66 7.30 12.26
CA TRP C 187 -12.55 8.30 12.83
C TRP C 187 -12.15 8.81 14.20
N VAL C 188 -12.24 10.12 14.35
CA VAL C 188 -11.88 10.80 15.59
C VAL C 188 -13.14 11.42 16.21
N ARG C 189 -13.25 11.32 17.53
CA ARG C 189 -14.41 11.87 18.23
C ARG C 189 -14.10 13.24 18.81
N GLN C 208 -25.91 5.95 24.27
CA GLN C 208 -25.11 6.60 23.23
C GLN C 208 -23.91 5.74 22.85
N GLU C 209 -23.46 4.92 23.78
CA GLU C 209 -22.31 4.04 23.53
C GLU C 209 -22.65 3.05 22.43
N THR C 210 -23.90 2.60 22.41
CA THR C 210 -24.36 1.66 21.39
C THR C 210 -24.39 2.37 20.04
N ALA C 211 -24.82 3.63 20.07
CA ALA C 211 -24.90 4.43 18.85
C ALA C 211 -23.51 4.63 18.26
N ALA C 212 -22.57 5.03 19.11
CA ALA C 212 -21.19 5.26 18.68
C ALA C 212 -20.59 4.04 17.98
N ARG C 213 -20.65 2.90 18.66
CA ARG C 213 -20.11 1.66 18.12
C ARG C 213 -20.76 1.27 16.80
N GLU C 214 -22.03 1.62 16.64
CA GLU C 214 -22.76 1.30 15.41
C GLU C 214 -22.20 2.09 14.23
N LEU C 215 -21.95 3.37 14.46
CA LEU C 215 -21.41 4.26 13.43
C LEU C 215 -20.00 3.87 13.01
N LEU C 216 -19.19 3.42 13.97
CA LEU C 216 -17.82 3.02 13.71
C LEU C 216 -17.73 1.64 13.07
N SER C 217 -18.76 0.82 13.31
CA SER C 217 -18.82 -0.55 12.79
C SER C 217 -18.47 -0.67 11.31
N GLU C 218 -18.99 0.26 10.53
CA GLU C 218 -18.76 0.29 9.09
C GLU C 218 -17.29 0.29 8.65
N LYS C 219 -16.48 1.20 9.21
CA LYS C 219 -15.08 1.31 8.82
C LYS C 219 -14.01 1.01 9.87
N GLN C 220 -14.33 1.21 11.15
CA GLN C 220 -13.39 1.03 12.24
C GLN C 220 -13.62 -0.22 13.11
N PRO C 221 -12.93 -1.33 12.78
CA PRO C 221 -13.03 -2.62 13.49
C PRO C 221 -12.96 -2.61 15.02
N SER C 222 -12.17 -1.71 15.59
CA SER C 222 -12.02 -1.65 17.03
C SER C 222 -13.27 -1.11 17.71
N LEU C 223 -14.09 -0.40 16.95
CA LEU C 223 -15.31 0.20 17.47
C LEU C 223 -14.95 1.23 18.54
N GLN C 224 -13.75 1.78 18.40
CA GLN C 224 -13.25 2.79 19.32
C GLN C 224 -12.75 3.98 18.52
N PHE C 225 -13.00 5.19 19.02
CA PHE C 225 -12.56 6.40 18.35
C PHE C 225 -11.09 6.69 18.59
N VAL C 226 -10.44 7.29 17.60
CA VAL C 226 -9.05 7.66 17.73
C VAL C 226 -9.13 9.03 18.40
N THR C 227 -8.19 9.36 19.27
CA THR C 227 -8.24 10.65 19.95
C THR C 227 -7.14 11.62 19.54
N PRO C 228 -7.34 12.92 19.80
CA PRO C 228 -6.36 13.94 19.46
C PRO C 228 -5.06 13.71 20.23
N GLU C 229 -5.21 13.21 21.46
CA GLU C 229 -4.05 12.92 22.31
C GLU C 229 -3.21 11.81 21.69
N GLN C 230 -3.87 10.79 21.15
CA GLN C 230 -3.15 9.68 20.54
C GLN C 230 -2.41 10.12 19.28
N LEU C 231 -3.04 11.01 18.51
CA LEU C 231 -2.43 11.51 17.29
C LEU C 231 -1.27 12.43 17.68
N GLY C 232 -1.44 13.17 18.76
CA GLY C 232 -0.38 14.03 19.25
C GLY C 232 0.81 13.18 19.66
N GLY C 233 0.54 12.04 20.31
CA GLY C 233 1.63 11.18 20.73
C GLY C 233 2.33 10.56 19.53
N THR C 234 1.57 10.35 18.44
CA THR C 234 2.15 9.77 17.24
C THR C 234 3.06 10.80 16.56
N ALA C 235 2.66 12.08 16.58
CA ALA C 235 3.44 13.15 15.98
C ALA C 235 4.74 13.31 16.80
N VAL C 236 4.60 13.23 18.12
CA VAL C 236 5.75 13.34 19.02
C VAL C 236 6.76 12.25 18.67
N PHE C 237 6.27 11.03 18.44
CA PHE C 237 7.16 9.92 18.10
C PHE C 237 7.88 10.18 16.77
N LEU C 238 7.13 10.59 15.76
CA LEU C 238 7.75 10.87 14.46
C LEU C 238 8.80 11.98 14.56
N ALA C 239 8.60 12.92 15.48
CA ALA C 239 9.54 14.02 15.65
C ALA C 239 10.76 13.64 16.48
N SER C 240 10.73 12.45 17.09
CA SER C 240 11.83 11.99 17.93
C SER C 240 13.03 11.44 17.15
N ASP C 241 14.17 11.28 17.81
CA ASP C 241 15.35 10.77 17.11
C ASP C 241 15.20 9.28 16.77
N ALA C 242 14.35 8.56 17.51
CA ALA C 242 14.15 7.15 17.23
C ALA C 242 13.54 6.95 15.84
N ALA C 243 12.88 7.99 15.34
CA ALA C 243 12.26 7.93 14.02
C ALA C 243 13.08 8.62 12.95
N ALA C 244 14.38 8.78 13.20
CA ALA C 244 15.28 9.43 12.24
C ALA C 244 15.31 8.74 10.89
N GLN C 245 15.06 7.43 10.88
CA GLN C 245 15.08 6.68 9.64
C GLN C 245 13.69 6.25 9.20
N ILE C 246 12.66 6.86 9.77
CA ILE C 246 11.31 6.58 9.35
C ILE C 246 10.99 7.74 8.42
N THR C 247 10.91 7.48 7.12
CA THR C 247 10.61 8.56 6.19
C THR C 247 9.92 8.10 4.93
N GLY C 248 9.04 8.96 4.40
CA GLY C 248 8.30 8.66 3.18
C GLY C 248 7.28 7.57 3.37
N THR C 249 6.73 7.48 4.58
CA THR C 249 5.77 6.45 4.85
C THR C 249 4.51 6.97 5.52
N THR C 250 3.56 6.08 5.72
CA THR C 250 2.30 6.44 6.35
C THR C 250 2.16 5.66 7.64
N VAL C 251 1.60 6.31 8.66
CA VAL C 251 1.38 5.64 9.93
C VAL C 251 -0.12 5.65 10.13
N SER C 252 -0.73 4.48 10.04
CA SER C 252 -2.18 4.39 10.19
C SER C 252 -2.62 4.24 11.63
N VAL C 253 -3.46 5.18 12.05
CA VAL C 253 -4.01 5.22 13.39
C VAL C 253 -5.51 5.15 13.11
N ASP C 254 -5.97 3.98 12.72
CA ASP C 254 -7.37 3.78 12.34
C ASP C 254 -8.09 2.59 12.97
N GLY C 255 -7.59 2.11 14.11
CA GLY C 255 -8.23 0.98 14.77
C GLY C 255 -8.54 -0.20 13.87
N GLY C 256 -7.70 -0.44 12.87
CA GLY C 256 -7.93 -1.57 11.97
C GLY C 256 -8.66 -1.28 10.66
N TRP C 257 -9.10 -0.04 10.48
CA TRP C 257 -9.82 0.37 9.26
C TRP C 257 -9.23 -0.25 8.01
N THR C 258 -7.96 0.03 7.76
CA THR C 258 -7.26 -0.43 6.56
C THR C 258 -6.77 -1.88 6.54
N ALA C 259 -6.84 -2.57 7.68
CA ALA C 259 -6.37 -3.96 7.75
C ALA C 259 -7.28 -4.95 7.01
N ARG C 260 -8.55 -4.57 6.84
CA ARG C 260 -9.51 -5.42 6.16
C ARG C 260 -9.98 -4.80 4.83
N MET D 1 5.91 4.98 30.01
CA MET D 1 6.61 3.92 30.78
C MET D 1 5.84 2.61 30.71
N LEU D 2 6.52 1.51 31.00
CA LEU D 2 5.90 0.19 30.95
C LEU D 2 6.08 -0.57 32.27
N LYS D 3 6.18 0.15 33.36
CA LYS D 3 6.34 -0.46 34.67
C LYS D 3 5.18 -1.41 34.96
N GLY D 4 5.51 -2.60 35.46
CA GLY D 4 4.49 -3.58 35.77
C GLY D 4 4.12 -4.46 34.59
N LYS D 5 4.72 -4.20 33.43
CA LYS D 5 4.42 -4.99 32.25
C LYS D 5 5.54 -5.97 31.94
N VAL D 6 5.18 -7.06 31.28
CA VAL D 6 6.15 -8.08 30.91
C VAL D 6 6.24 -8.21 29.40
N ALA D 7 7.45 -8.14 28.87
CA ALA D 7 7.67 -8.25 27.44
C ALA D 7 8.57 -9.41 27.07
N VAL D 8 8.11 -10.23 26.13
CA VAL D 8 8.87 -11.37 25.64
C VAL D 8 9.39 -10.99 24.25
N VAL D 9 10.70 -11.06 24.06
CA VAL D 9 11.28 -10.74 22.75
C VAL D 9 12.06 -11.92 22.20
N THR D 10 11.56 -12.54 21.13
CA THR D 10 12.25 -13.68 20.54
C THR D 10 13.52 -13.19 19.83
N GLY D 11 14.54 -14.04 19.81
CA GLY D 11 15.79 -13.67 19.16
C GLY D 11 16.36 -12.36 19.67
N SER D 12 16.44 -12.23 20.99
CA SER D 12 16.94 -11.00 21.59
C SER D 12 18.30 -11.10 22.28
N THR D 13 19.07 -12.15 21.98
CA THR D 13 20.39 -12.27 22.60
C THR D 13 21.40 -11.40 21.87
N SER D 14 20.98 -10.81 20.76
CA SER D 14 21.87 -9.94 19.99
C SER D 14 21.09 -9.17 18.92
N GLY D 15 21.80 -8.27 18.25
CA GLY D 15 21.21 -7.46 17.18
C GLY D 15 19.96 -6.67 17.49
N ILE D 16 19.02 -6.71 16.56
CA ILE D 16 17.77 -5.99 16.66
C ILE D 16 16.92 -6.39 17.87
N GLY D 17 16.81 -7.70 18.11
CA GLY D 17 16.01 -8.16 19.24
C GLY D 17 16.51 -7.62 20.57
N LEU D 18 17.83 -7.61 20.73
CA LEU D 18 18.43 -7.13 21.95
C LEU D 18 18.20 -5.63 22.05
N GLY D 19 18.21 -4.96 20.90
CA GLY D 19 17.98 -3.53 20.90
C GLY D 19 16.56 -3.26 21.39
N ILE D 20 15.62 -4.08 20.94
CA ILE D 20 14.22 -3.88 21.35
C ILE D 20 14.03 -4.23 22.83
N ALA D 21 14.60 -5.35 23.25
CA ALA D 21 14.49 -5.77 24.65
C ALA D 21 15.06 -4.68 25.56
N THR D 22 16.18 -4.11 25.16
CA THR D 22 16.84 -3.07 25.95
C THR D 22 15.98 -1.82 26.07
N ALA D 23 15.40 -1.37 24.97
CA ALA D 23 14.55 -0.19 25.01
C ALA D 23 13.34 -0.45 25.91
N LEU D 24 12.79 -1.65 25.85
CA LEU D 24 11.64 -1.98 26.68
C LEU D 24 12.05 -2.02 28.15
N ALA D 25 13.21 -2.59 28.43
CA ALA D 25 13.70 -2.65 29.80
C ALA D 25 13.86 -1.24 30.36
N ALA D 26 14.31 -0.32 29.51
CA ALA D 26 14.53 1.06 29.91
C ALA D 26 13.22 1.76 30.27
N GLN D 27 12.09 1.23 29.78
CA GLN D 27 10.79 1.81 30.09
C GLN D 27 10.22 1.16 31.36
N GLY D 28 10.98 0.26 31.95
CA GLY D 28 10.55 -0.39 33.19
C GLY D 28 9.82 -1.72 33.06
N ALA D 29 9.88 -2.33 31.89
CA ALA D 29 9.20 -3.60 31.68
C ALA D 29 10.09 -4.78 32.03
N ASP D 30 9.51 -5.83 32.61
CA ASP D 30 10.27 -7.03 32.91
C ASP D 30 10.49 -7.66 31.56
N ILE D 31 11.60 -8.34 31.38
CA ILE D 31 11.95 -8.92 30.10
C ILE D 31 12.23 -10.40 30.07
N VAL D 32 11.86 -11.03 28.96
CA VAL D 32 12.19 -12.43 28.73
C VAL D 32 13.02 -12.41 27.46
N LEU D 33 14.29 -12.74 27.58
CA LEU D 33 15.19 -12.80 26.44
C LEU D 33 15.11 -14.20 25.85
N ASN D 34 15.46 -14.33 24.59
CA ASN D 34 15.43 -15.61 23.90
C ASN D 34 16.39 -15.61 22.74
N GLY D 35 16.90 -16.79 22.40
CA GLY D 35 17.86 -16.90 21.32
C GLY D 35 19.01 -17.82 21.68
N PHE D 36 19.97 -17.93 20.77
CA PHE D 36 21.12 -18.79 20.99
C PHE D 36 22.38 -17.97 21.25
N GLY D 37 23.44 -18.65 21.66
CA GLY D 37 24.68 -17.96 21.94
C GLY D 37 25.47 -18.60 23.06
N ASP D 38 26.56 -17.94 23.44
CA ASP D 38 27.44 -18.41 24.49
C ASP D 38 26.79 -18.21 25.86
N ALA D 39 26.84 -19.25 26.69
CA ALA D 39 26.25 -19.21 28.03
C ALA D 39 26.71 -18.01 28.86
N ALA D 40 28.02 -17.77 28.89
CA ALA D 40 28.57 -16.66 29.66
C ALA D 40 28.19 -15.31 29.05
N GLU D 41 28.31 -15.20 27.74
CA GLU D 41 27.97 -13.94 27.06
C GLU D 41 26.52 -13.59 27.29
N ILE D 42 25.63 -14.57 27.11
CA ILE D 42 24.21 -14.36 27.31
C ILE D 42 23.91 -13.95 28.74
N GLU D 43 24.54 -14.63 29.69
CA GLU D 43 24.33 -14.32 31.11
C GLU D 43 24.81 -12.91 31.41
N LYS D 44 25.90 -12.49 30.81
CA LYS D 44 26.41 -11.14 31.03
C LYS D 44 25.35 -10.15 30.57
N VAL D 45 24.80 -10.40 29.38
CA VAL D 45 23.75 -9.55 28.83
C VAL D 45 22.52 -9.54 29.73
N ARG D 46 22.04 -10.72 30.10
CA ARG D 46 20.85 -10.83 30.95
C ARG D 46 21.01 -10.11 32.29
N ALA D 47 22.07 -10.45 33.03
CA ALA D 47 22.31 -9.83 34.32
C ALA D 47 22.55 -8.33 34.20
N GLY D 48 23.20 -7.93 33.11
CA GLY D 48 23.48 -6.52 32.89
C GLY D 48 22.25 -5.67 32.73
N LEU D 49 21.29 -6.15 31.96
CA LEU D 49 20.05 -5.41 31.74
C LEU D 49 19.24 -5.30 33.02
N ALA D 50 19.14 -6.42 33.73
CA ALA D 50 18.38 -6.44 34.98
C ALA D 50 18.95 -5.44 35.98
N ALA D 51 20.28 -5.42 36.10
CA ALA D 51 20.96 -4.52 37.03
C ALA D 51 20.87 -3.06 36.59
N GLN D 52 21.13 -2.81 35.31
CA GLN D 52 21.09 -1.46 34.79
C GLN D 52 19.71 -0.81 34.82
N HIS D 53 18.69 -1.57 34.45
CA HIS D 53 17.35 -1.01 34.39
C HIS D 53 16.44 -1.28 35.58
N GLY D 54 16.92 -2.08 36.53
CA GLY D 54 16.12 -2.38 37.70
C GLY D 54 14.85 -3.16 37.43
N VAL D 55 14.92 -4.13 36.53
CA VAL D 55 13.77 -4.96 36.19
C VAL D 55 14.21 -6.41 36.18
N LYS D 56 13.25 -7.32 36.18
CA LYS D 56 13.58 -8.73 36.15
C LYS D 56 13.78 -9.15 34.70
N VAL D 57 14.83 -9.92 34.44
CA VAL D 57 15.12 -10.39 33.10
C VAL D 57 15.39 -11.87 33.13
N LEU D 58 14.59 -12.61 32.36
CA LEU D 58 14.73 -14.05 32.27
C LEU D 58 15.28 -14.39 30.90
N TYR D 59 16.00 -15.48 30.80
CA TYR D 59 16.52 -15.94 29.51
C TYR D 59 16.00 -17.35 29.27
N ASP D 60 15.34 -17.55 28.13
CA ASP D 60 14.79 -18.84 27.74
C ASP D 60 15.37 -19.11 26.36
N GLY D 61 16.18 -20.15 26.24
CA GLY D 61 16.80 -20.47 24.96
C GLY D 61 16.00 -21.37 24.04
N ALA D 62 14.68 -21.39 24.20
CA ALA D 62 13.82 -22.24 23.37
C ALA D 62 14.09 -22.09 21.87
N ASP D 63 14.15 -23.23 21.17
CA ASP D 63 14.37 -23.23 19.72
C ASP D 63 13.02 -22.93 19.07
N LEU D 64 12.88 -21.73 18.51
CA LEU D 64 11.62 -21.33 17.89
C LEU D 64 11.23 -22.02 16.59
N SER D 65 12.10 -22.92 16.11
CA SER D 65 11.82 -23.67 14.88
C SER D 65 10.67 -24.64 15.12
N LYS D 66 10.46 -25.00 16.38
CA LYS D 66 9.41 -25.94 16.76
C LYS D 66 8.23 -25.21 17.38
N GLY D 67 7.04 -25.46 16.83
CA GLY D 67 5.84 -24.82 17.30
C GLY D 67 5.56 -24.96 18.79
N GLU D 68 5.82 -26.15 19.34
CA GLU D 68 5.56 -26.35 20.76
C GLU D 68 6.56 -25.61 21.63
N ALA D 69 7.79 -25.48 21.13
CA ALA D 69 8.83 -24.77 21.86
C ALA D 69 8.46 -23.28 21.94
N VAL D 70 7.83 -22.77 20.89
CA VAL D 70 7.41 -21.37 20.84
C VAL D 70 6.32 -21.10 21.86
N ARG D 71 5.27 -21.91 21.84
CA ARG D 71 4.18 -21.75 22.78
C ARG D 71 4.71 -21.98 24.20
N GLY D 72 5.72 -22.83 24.32
CA GLY D 72 6.31 -23.12 25.61
C GLY D 72 7.02 -21.88 26.14
N LEU D 73 7.67 -21.14 25.24
CA LEU D 73 8.37 -19.92 25.62
C LEU D 73 7.38 -18.96 26.27
N VAL D 74 6.23 -18.77 25.62
CA VAL D 74 5.20 -17.89 26.15
C VAL D 74 4.64 -18.39 27.48
N ASP D 75 4.30 -19.68 27.55
CA ASP D 75 3.76 -20.24 28.78
C ASP D 75 4.76 -20.07 29.91
N ASN D 76 6.02 -20.35 29.62
CA ASN D 76 7.09 -20.23 30.62
C ASN D 76 7.29 -18.79 31.03
N ALA D 77 6.96 -17.86 30.15
CA ALA D 77 7.09 -16.44 30.46
C ALA D 77 6.05 -16.06 31.49
N VAL D 78 4.82 -16.49 31.25
CA VAL D 78 3.70 -16.21 32.16
C VAL D 78 3.90 -16.93 33.49
N ARG D 79 4.42 -18.14 33.41
CA ARG D 79 4.68 -18.96 34.60
C ARG D 79 5.73 -18.31 35.50
N GLN D 80 6.86 -17.93 34.92
CA GLN D 80 7.95 -17.31 35.68
C GLN D 80 7.82 -15.81 35.92
N MET D 81 7.21 -15.09 34.97
CA MET D 81 7.05 -13.64 35.09
C MET D 81 5.67 -13.22 35.62
N GLY D 82 4.71 -14.14 35.61
CA GLY D 82 3.38 -13.84 36.11
C GLY D 82 2.35 -13.34 35.11
N ARG D 83 2.81 -12.95 33.92
CA ARG D 83 1.91 -12.42 32.89
C ARG D 83 2.73 -12.11 31.65
N ILE D 84 2.05 -11.68 30.59
CA ILE D 84 2.72 -11.31 29.35
C ILE D 84 1.90 -10.20 28.68
N ASP D 85 2.42 -8.99 28.68
CA ASP D 85 1.72 -7.85 28.09
C ASP D 85 2.17 -7.55 26.67
N ILE D 86 3.43 -7.85 26.39
CA ILE D 86 4.01 -7.57 25.09
C ILE D 86 4.80 -8.73 24.51
N LEU D 87 4.46 -9.10 23.28
CA LEU D 87 5.16 -10.17 22.58
C LEU D 87 5.78 -9.59 21.31
N VAL D 88 7.09 -9.72 21.17
CA VAL D 88 7.80 -9.23 19.99
C VAL D 88 8.38 -10.43 19.25
N ASN D 89 7.77 -10.80 18.13
CA ASN D 89 8.25 -11.92 17.34
C ASN D 89 9.30 -11.37 16.39
N ASN D 90 10.56 -11.61 16.77
CA ASN D 90 11.70 -11.08 16.05
C ASN D 90 12.64 -12.09 15.39
N ALA D 91 12.85 -13.23 16.03
CA ALA D 91 13.75 -14.25 15.48
C ALA D 91 13.54 -14.47 13.98
N GLY D 92 14.64 -14.61 13.25
CA GLY D 92 14.55 -14.84 11.82
C GLY D 92 15.85 -15.31 11.20
N ILE D 93 15.75 -15.89 10.01
CA ILE D 93 16.92 -16.39 9.27
C ILE D 93 16.79 -16.05 7.79
N GLN D 94 17.91 -16.11 7.06
CA GLN D 94 17.92 -15.78 5.63
C GLN D 94 18.71 -16.76 4.77
N HIS D 95 18.35 -16.83 3.48
CA HIS D 95 19.02 -17.69 2.52
C HIS D 95 18.76 -17.18 1.10
N THR D 96 19.83 -16.74 0.44
CA THR D 96 19.71 -16.20 -0.92
C THR D 96 20.00 -17.24 -2.01
N ALA D 97 19.22 -17.21 -3.07
CA ALA D 97 19.39 -18.11 -4.21
C ALA D 97 18.18 -18.04 -5.13
N LEU D 98 18.41 -18.27 -6.43
CA LEU D 98 17.34 -18.25 -7.41
C LEU D 98 16.27 -19.25 -6.98
N ILE D 99 15.04 -19.02 -7.42
CA ILE D 99 13.93 -19.89 -7.08
C ILE D 99 14.14 -21.36 -7.46
N GLU D 100 14.66 -21.58 -8.67
CA GLU D 100 14.89 -22.94 -9.15
C GLU D 100 16.08 -23.61 -8.46
N ASP D 101 16.86 -22.83 -7.72
CA ASP D 101 18.02 -23.37 -7.02
C ASP D 101 17.90 -23.15 -5.52
N PHE D 102 16.67 -22.90 -5.06
CA PHE D 102 16.43 -22.66 -3.65
C PHE D 102 16.13 -23.98 -2.93
N PRO D 103 17.08 -24.47 -2.12
CA PRO D 103 16.91 -25.73 -1.39
C PRO D 103 15.59 -25.79 -0.61
N THR D 104 14.78 -26.80 -0.89
CA THR D 104 13.50 -26.98 -0.22
C THR D 104 13.69 -26.96 1.29
N GLU D 105 14.83 -27.49 1.74
CA GLU D 105 15.14 -27.54 3.16
C GLU D 105 15.11 -26.11 3.70
N LYS D 106 15.79 -25.21 3.01
CA LYS D 106 15.86 -23.81 3.42
C LYS D 106 14.51 -23.13 3.35
N TRP D 107 13.71 -23.46 2.34
CA TRP D 107 12.39 -22.86 2.20
C TRP D 107 11.53 -23.19 3.41
N ASP D 108 11.51 -24.46 3.80
CA ASP D 108 10.71 -24.89 4.93
C ASP D 108 11.22 -24.32 6.25
N ALA D 109 12.52 -24.10 6.32
CA ALA D 109 13.15 -23.56 7.53
C ALA D 109 12.81 -22.08 7.71
N ILE D 110 12.82 -21.34 6.61
CA ILE D 110 12.51 -19.92 6.65
C ILE D 110 11.05 -19.70 7.01
N LEU D 111 10.16 -20.53 6.48
CA LEU D 111 8.74 -20.41 6.78
C LEU D 111 8.44 -20.77 8.23
N ALA D 112 9.02 -21.87 8.70
CA ALA D 112 8.78 -22.32 10.07
C ALA D 112 9.17 -21.26 11.11
N LEU D 113 10.35 -20.67 10.96
CA LEU D 113 10.80 -19.67 11.91
C LEU D 113 10.23 -18.28 11.63
N ASN D 114 10.52 -17.76 10.43
CA ASN D 114 10.07 -16.43 10.02
C ASN D 114 8.56 -16.21 9.98
N LEU D 115 7.78 -17.27 9.86
CA LEU D 115 6.33 -17.11 9.79
C LEU D 115 5.50 -17.92 10.78
N SER D 116 5.66 -19.24 10.75
CA SER D 116 4.89 -20.08 11.66
C SER D 116 5.15 -19.75 13.13
N ALA D 117 6.39 -19.37 13.45
CA ALA D 117 6.73 -19.01 14.83
C ALA D 117 5.84 -17.86 15.31
N VAL D 118 5.51 -16.95 14.39
CA VAL D 118 4.65 -15.82 14.75
C VAL D 118 3.26 -16.33 15.10
N PHE D 119 2.79 -17.31 14.34
CA PHE D 119 1.47 -17.90 14.58
C PHE D 119 1.47 -18.59 15.94
N HIS D 120 2.43 -19.47 16.14
CA HIS D 120 2.52 -20.20 17.40
C HIS D 120 2.65 -19.27 18.61
N GLY D 121 3.56 -18.32 18.52
CA GLY D 121 3.74 -17.38 19.61
C GLY D 121 2.47 -16.59 19.88
N THR D 122 1.84 -16.11 18.81
CA THR D 122 0.62 -15.33 18.94
C THR D 122 -0.52 -16.15 19.54
N ALA D 123 -0.67 -17.40 19.11
CA ALA D 123 -1.74 -18.24 19.64
C ALA D 123 -1.60 -18.43 21.15
N ALA D 124 -0.38 -18.68 21.61
CA ALA D 124 -0.13 -18.89 23.04
C ALA D 124 -0.40 -17.65 23.88
N ALA D 125 -0.09 -16.48 23.33
CA ALA D 125 -0.26 -15.23 24.07
C ALA D 125 -1.66 -14.63 24.14
N LEU D 126 -2.43 -14.77 23.06
CA LEU D 126 -3.76 -14.19 23.03
C LEU D 126 -4.66 -14.53 24.21
N PRO D 127 -4.75 -15.82 24.58
CA PRO D 127 -5.61 -16.17 25.72
C PRO D 127 -5.31 -15.29 26.94
N HIS D 128 -4.03 -15.15 27.27
CA HIS D 128 -3.61 -14.34 28.40
C HIS D 128 -3.94 -12.86 28.22
N MET D 129 -3.63 -12.33 27.05
CA MET D 129 -3.91 -10.91 26.80
C MET D 129 -5.40 -10.62 26.84
N LYS D 130 -6.20 -11.48 26.23
CA LYS D 130 -7.65 -11.27 26.23
C LYS D 130 -8.22 -11.28 27.64
N LYS D 131 -7.63 -12.10 28.50
CA LYS D 131 -8.07 -12.18 29.89
C LYS D 131 -7.65 -10.93 30.65
N GLN D 132 -6.47 -10.42 30.35
CA GLN D 132 -5.93 -9.21 30.99
C GLN D 132 -6.62 -7.95 30.50
N GLY D 133 -7.10 -7.99 29.27
CA GLY D 133 -7.75 -6.81 28.71
C GLY D 133 -6.66 -5.88 28.17
N PHE D 134 -5.50 -6.44 27.88
CA PHE D 134 -4.39 -5.67 27.35
C PHE D 134 -3.33 -6.56 26.71
N GLY D 135 -2.74 -6.05 25.63
CA GLY D 135 -1.71 -6.79 24.94
C GLY D 135 -1.14 -6.00 23.78
N ARG D 136 0.08 -6.33 23.42
CA ARG D 136 0.75 -5.69 22.30
C ARG D 136 1.59 -6.73 21.62
N ILE D 137 1.22 -7.07 20.39
CA ILE D 137 1.96 -8.03 19.61
C ILE D 137 2.67 -7.21 18.56
N ILE D 138 3.99 -7.27 18.59
CA ILE D 138 4.81 -6.52 17.65
C ILE D 138 5.65 -7.49 16.86
N ASN D 139 5.31 -7.62 15.58
CA ASN D 139 6.02 -8.53 14.70
C ASN D 139 7.07 -7.79 13.89
N ILE D 140 8.31 -8.24 13.99
CA ILE D 140 9.37 -7.61 13.22
C ILE D 140 9.41 -8.32 11.89
N ALA D 141 8.91 -7.66 10.86
CA ALA D 141 8.89 -8.22 9.53
C ALA D 141 10.09 -7.72 8.75
N SER D 142 9.85 -6.85 7.77
CA SER D 142 10.92 -6.32 6.96
C SER D 142 10.35 -5.51 5.81
N ALA D 143 11.20 -4.74 5.14
CA ALA D 143 10.76 -3.99 3.98
C ALA D 143 10.24 -5.07 3.03
N HIS D 144 10.88 -6.24 3.09
CA HIS D 144 10.52 -7.38 2.24
C HIS D 144 9.20 -8.03 2.58
N GLY D 145 8.46 -7.39 3.49
CA GLY D 145 7.15 -7.89 3.83
C GLY D 145 6.16 -7.06 3.02
N LEU D 146 6.69 -6.00 2.40
CA LEU D 146 5.88 -5.09 1.60
C LEU D 146 6.29 -5.11 0.13
N VAL D 147 7.60 -5.23 -0.12
CA VAL D 147 8.13 -5.28 -1.48
C VAL D 147 9.05 -6.49 -1.56
N ALA D 148 9.78 -6.63 -2.67
CA ALA D 148 10.66 -7.78 -2.82
C ALA D 148 12.00 -7.45 -3.44
N SER D 149 12.88 -8.45 -3.43
CA SER D 149 14.20 -8.35 -4.01
C SER D 149 14.52 -9.72 -4.60
N ALA D 150 15.29 -9.74 -5.68
CA ALA D 150 15.65 -10.99 -6.33
C ALA D 150 16.49 -11.89 -5.42
N ASN D 151 16.26 -13.20 -5.53
CA ASN D 151 16.99 -14.21 -4.76
C ASN D 151 16.67 -14.35 -3.28
N LYS D 152 15.44 -14.01 -2.88
CA LYS D 152 15.03 -14.14 -1.48
C LYS D 152 13.55 -14.46 -1.39
N SER D 153 13.10 -15.41 -2.22
CA SER D 153 11.70 -15.79 -2.27
C SER D 153 11.07 -16.28 -0.97
N ALA D 154 11.75 -17.16 -0.25
CA ALA D 154 11.22 -17.68 1.01
C ALA D 154 11.13 -16.57 2.04
N TYR D 155 12.19 -15.77 2.14
CA TYR D 155 12.22 -14.67 3.08
C TYR D 155 11.08 -13.69 2.78
N VAL D 156 11.01 -13.25 1.52
CA VAL D 156 9.97 -12.31 1.09
C VAL D 156 8.58 -12.90 1.32
N ALA D 157 8.43 -14.17 0.97
CA ALA D 157 7.14 -14.84 1.14
C ALA D 157 6.74 -14.92 2.61
N ALA D 158 7.71 -15.23 3.46
CA ALA D 158 7.45 -15.33 4.89
C ALA D 158 7.04 -13.98 5.47
N LYS D 159 7.84 -12.95 5.17
CA LYS D 159 7.58 -11.59 5.65
C LYS D 159 6.20 -11.09 5.22
N HIS D 160 5.84 -11.34 3.96
CA HIS D 160 4.53 -10.93 3.48
C HIS D 160 3.49 -11.66 4.31
N GLY D 161 3.73 -12.95 4.55
CA GLY D 161 2.79 -13.74 5.34
C GLY D 161 2.63 -13.15 6.72
N VAL D 162 3.73 -12.68 7.31
CA VAL D 162 3.68 -12.06 8.63
C VAL D 162 2.78 -10.83 8.60
N VAL D 163 2.95 -9.98 7.59
CA VAL D 163 2.10 -8.80 7.49
C VAL D 163 0.63 -9.22 7.46
N GLY D 164 0.30 -10.17 6.60
CA GLY D 164 -1.07 -10.63 6.53
C GLY D 164 -1.54 -11.19 7.86
N PHE D 165 -0.70 -12.00 8.51
CA PHE D 165 -1.08 -12.59 9.79
C PHE D 165 -1.33 -11.49 10.83
N THR D 166 -0.55 -10.43 10.75
CA THR D 166 -0.67 -9.32 11.69
C THR D 166 -2.04 -8.68 11.59
N LYS D 167 -2.51 -8.48 10.37
CA LYS D 167 -3.82 -7.86 10.15
C LYS D 167 -4.92 -8.72 10.74
N VAL D 168 -4.83 -10.04 10.53
CA VAL D 168 -5.86 -10.92 11.07
C VAL D 168 -5.89 -10.82 12.58
N THR D 169 -4.70 -10.88 13.20
CA THR D 169 -4.59 -10.79 14.65
C THR D 169 -5.27 -9.54 15.14
N ALA D 170 -5.06 -8.45 14.42
CA ALA D 170 -5.65 -7.18 14.78
C ALA D 170 -7.16 -7.24 14.71
N LEU D 171 -7.68 -7.79 13.61
CA LEU D 171 -9.11 -7.89 13.42
C LEU D 171 -9.79 -8.74 14.48
N GLU D 172 -9.15 -9.85 14.85
CA GLU D 172 -9.70 -10.75 15.87
C GLU D 172 -9.63 -10.17 17.29
N THR D 173 -8.73 -9.21 17.51
CA THR D 173 -8.56 -8.61 18.83
C THR D 173 -9.09 -7.19 18.96
N ALA D 174 -9.62 -6.64 17.87
CA ALA D 174 -10.14 -5.28 17.84
C ALA D 174 -11.05 -4.88 19.00
N GLY D 175 -10.67 -3.81 19.68
CA GLY D 175 -11.46 -3.32 20.79
C GLY D 175 -11.24 -4.02 22.12
N GLN D 176 -10.50 -5.12 22.11
CA GLN D 176 -10.25 -5.87 23.34
C GLN D 176 -9.01 -5.38 24.09
N GLY D 177 -8.55 -4.17 23.78
CA GLY D 177 -7.38 -3.62 24.44
C GLY D 177 -6.09 -4.26 23.97
N ILE D 178 -6.15 -4.90 22.81
CA ILE D 178 -5.01 -5.60 22.22
C ILE D 178 -4.74 -5.11 20.80
N THR D 179 -3.48 -4.80 20.50
CA THR D 179 -3.13 -4.38 19.14
C THR D 179 -2.06 -5.31 18.60
N ALA D 180 -1.96 -5.37 17.28
CA ALA D 180 -0.98 -6.20 16.60
C ALA D 180 -0.49 -5.41 15.40
N ASN D 181 0.81 -5.15 15.34
CA ASN D 181 1.37 -4.41 14.24
C ASN D 181 2.69 -5.02 13.82
N ALA D 182 3.14 -4.67 12.63
CA ALA D 182 4.40 -5.18 12.13
C ALA D 182 5.37 -4.05 11.75
N ILE D 183 6.55 -4.08 12.35
CA ILE D 183 7.60 -3.10 12.06
C ILE D 183 8.37 -3.72 10.90
N CYS D 184 8.57 -2.95 9.83
CA CYS D 184 9.28 -3.42 8.64
C CYS D 184 10.58 -2.65 8.41
N PRO D 185 11.69 -3.15 8.98
CA PRO D 185 13.00 -2.51 8.84
C PRO D 185 13.66 -2.61 7.47
N GLY D 186 14.54 -1.65 7.19
CA GLY D 186 15.30 -1.65 5.95
C GLY D 186 16.67 -2.17 6.39
N TRP D 187 17.75 -1.69 5.78
CA TRP D 187 19.09 -2.15 6.17
C TRP D 187 19.50 -1.76 7.59
N VAL D 188 19.87 -2.74 8.38
CA VAL D 188 20.31 -2.49 9.75
C VAL D 188 21.78 -2.88 9.88
N ARG D 189 22.56 -2.06 10.57
CA ARG D 189 23.98 -2.31 10.75
C ARG D 189 24.26 -2.76 12.19
N GLU D 209 33.15 5.16 5.19
CA GLU D 209 31.82 5.74 5.09
C GLU D 209 31.33 5.74 3.64
N THR D 210 32.28 5.86 2.71
CA THR D 210 31.96 5.87 1.30
C THR D 210 31.40 4.53 0.85
N ALA D 211 32.03 3.45 1.29
CA ALA D 211 31.59 2.10 0.95
C ALA D 211 30.21 1.82 1.52
N ALA D 212 30.01 2.23 2.78
CA ALA D 212 28.73 2.02 3.44
C ALA D 212 27.62 2.64 2.62
N ARG D 213 27.86 3.85 2.13
CA ARG D 213 26.87 4.57 1.32
C ARG D 213 26.60 3.81 0.03
N GLU D 214 27.66 3.33 -0.61
CA GLU D 214 27.54 2.58 -1.86
C GLU D 214 26.69 1.33 -1.69
N LEU D 215 26.85 0.66 -0.55
CA LEU D 215 26.12 -0.55 -0.26
C LEU D 215 24.63 -0.28 -0.02
N LEU D 216 24.34 0.88 0.58
CA LEU D 216 22.96 1.27 0.87
C LEU D 216 22.26 1.95 -0.30
N SER D 217 23.06 2.47 -1.23
CA SER D 217 22.56 3.19 -2.40
C SER D 217 21.47 2.50 -3.22
N GLU D 218 21.49 1.18 -3.25
CA GLU D 218 20.51 0.43 -4.03
C GLU D 218 19.08 0.39 -3.49
N LYS D 219 18.94 0.25 -2.18
CA LYS D 219 17.60 0.16 -1.56
C LYS D 219 17.24 1.26 -0.57
N GLN D 220 18.23 1.86 0.07
CA GLN D 220 18.01 2.86 1.12
C GLN D 220 18.41 4.29 0.78
N PRO D 221 17.46 5.09 0.24
CA PRO D 221 17.69 6.49 -0.13
C PRO D 221 18.48 7.34 0.86
N SER D 222 18.18 7.20 2.15
CA SER D 222 18.87 7.99 3.18
C SER D 222 20.37 7.75 3.22
N LEU D 223 20.79 6.60 2.70
CA LEU D 223 22.21 6.23 2.70
C LEU D 223 22.69 6.16 4.15
N GLN D 224 21.77 5.87 5.06
CA GLN D 224 22.07 5.75 6.49
C GLN D 224 21.40 4.48 7.00
N PHE D 225 22.11 3.73 7.84
CA PHE D 225 21.54 2.50 8.39
C PHE D 225 20.50 2.74 9.46
N VAL D 226 19.59 1.79 9.61
CA VAL D 226 18.58 1.85 10.65
C VAL D 226 19.27 1.18 11.83
N THR D 227 19.00 1.62 13.06
CA THR D 227 19.67 1.05 14.21
C THR D 227 18.77 0.26 15.15
N PRO D 228 19.36 -0.68 15.92
CA PRO D 228 18.57 -1.47 16.85
C PRO D 228 17.90 -0.54 17.87
N GLU D 229 18.56 0.56 18.19
CA GLU D 229 18.02 1.51 19.14
C GLU D 229 16.76 2.18 18.58
N GLN D 230 16.80 2.52 17.29
CA GLN D 230 15.65 3.14 16.64
C GLN D 230 14.48 2.15 16.61
N LEU D 231 14.77 0.89 16.27
CA LEU D 231 13.72 -0.11 16.23
C LEU D 231 13.19 -0.33 17.64
N GLY D 232 14.07 -0.21 18.63
CA GLY D 232 13.64 -0.37 20.01
C GLY D 232 12.71 0.76 20.38
N GLY D 233 13.02 1.97 19.92
CA GLY D 233 12.16 3.11 20.21
C GLY D 233 10.81 2.96 19.51
N THR D 234 10.83 2.32 18.34
CA THR D 234 9.59 2.11 17.59
C THR D 234 8.72 1.10 18.34
N ALA D 235 9.32 0.05 18.88
CA ALA D 235 8.56 -0.94 19.64
C ALA D 235 7.98 -0.29 20.89
N VAL D 236 8.76 0.56 21.55
CA VAL D 236 8.29 1.25 22.75
C VAL D 236 7.06 2.12 22.41
N PHE D 237 7.12 2.79 21.28
CA PHE D 237 5.99 3.62 20.87
C PHE D 237 4.75 2.74 20.67
N LEU D 238 4.89 1.68 19.91
CA LEU D 238 3.76 0.80 19.66
C LEU D 238 3.18 0.19 20.94
N ALA D 239 4.01 0.04 21.97
CA ALA D 239 3.53 -0.53 23.24
C ALA D 239 2.90 0.53 24.12
N SER D 240 3.11 1.80 23.77
CA SER D 240 2.57 2.91 24.55
C SER D 240 1.06 3.07 24.38
N ASP D 241 0.44 3.84 25.27
CA ASP D 241 -0.99 4.06 25.19
C ASP D 241 -1.39 4.94 24.01
N ALA D 242 -0.44 5.75 23.53
CA ALA D 242 -0.72 6.62 22.39
C ALA D 242 -1.02 5.76 21.17
N ALA D 243 -0.54 4.52 21.19
CA ALA D 243 -0.74 3.61 20.07
C ALA D 243 -1.91 2.64 20.27
N ALA D 244 -2.77 2.92 21.24
CA ALA D 244 -3.91 2.04 21.53
C ALA D 244 -4.77 1.77 20.32
N GLN D 245 -4.89 2.75 19.42
CA GLN D 245 -5.69 2.56 18.22
C GLN D 245 -4.88 2.29 16.96
N ILE D 246 -3.59 2.03 17.12
CA ILE D 246 -2.79 1.68 15.96
C ILE D 246 -2.77 0.17 15.98
N THR D 247 -3.46 -0.45 15.02
CA THR D 247 -3.51 -1.90 14.97
C THR D 247 -3.71 -2.42 13.55
N GLY D 248 -3.15 -3.61 13.31
CA GLY D 248 -3.25 -4.24 12.01
C GLY D 248 -2.54 -3.50 10.90
N THR D 249 -1.45 -2.81 11.24
CA THR D 249 -0.75 -2.06 10.22
C THR D 249 0.76 -2.28 10.27
N THR D 250 1.47 -1.64 9.35
CA THR D 250 2.92 -1.76 9.29
C THR D 250 3.57 -0.40 9.50
N VAL D 251 4.73 -0.41 10.16
CA VAL D 251 5.50 0.82 10.39
C VAL D 251 6.83 0.55 9.69
N SER D 252 7.07 1.26 8.59
CA SER D 252 8.31 1.08 7.85
C SER D 252 9.40 1.98 8.40
N VAL D 253 10.53 1.37 8.74
CA VAL D 253 11.69 2.09 9.27
C VAL D 253 12.74 1.69 8.25
N ASP D 254 12.72 2.34 7.10
CA ASP D 254 13.62 1.95 6.03
C ASP D 254 14.39 3.04 5.29
N GLY D 255 14.40 4.25 5.84
CA GLY D 255 15.13 5.33 5.20
C GLY D 255 14.64 5.69 3.81
N GLY D 256 13.37 5.40 3.52
CA GLY D 256 12.82 5.72 2.21
C GLY D 256 12.79 4.56 1.23
N TRP D 257 13.30 3.40 1.66
CA TRP D 257 13.32 2.19 0.84
C TRP D 257 12.01 1.95 0.08
N THR D 258 10.90 1.91 0.80
CA THR D 258 9.61 1.64 0.18
C THR D 258 8.87 2.84 -0.45
N ALA D 259 9.37 4.05 -0.26
CA ALA D 259 8.73 5.25 -0.83
C ALA D 259 8.91 5.36 -2.33
N ARG D 260 9.91 4.68 -2.87
CA ARG D 260 10.17 4.71 -4.31
C ARG D 260 9.95 3.33 -4.91
PA NAD E . 2.33 12.44 -24.84
O1A NAD E . 2.78 13.84 -24.64
O2A NAD E . 2.77 11.72 -26.09
O5B NAD E . 0.74 12.43 -24.72
C5B NAD E . 0.02 13.42 -23.90
C4B NAD E . -1.22 13.84 -24.66
O4B NAD E . -1.85 14.86 -23.77
C3B NAD E . -0.96 14.59 -26.02
O3B NAD E . -1.74 13.95 -27.08
C2B NAD E . -1.40 16.02 -25.78
O2B NAD E . -1.83 16.76 -26.85
C1B NAD E . -2.43 15.81 -24.65
N9A NAD E . -2.58 17.04 -23.90
C8A NAD E . -1.69 17.83 -23.16
N7A NAD E . -2.25 18.90 -22.63
C5A NAD E . -3.54 18.89 -22.98
C6A NAD E . -4.67 19.79 -22.71
N6A NAD E . -4.54 20.89 -21.98
N1A NAD E . -5.88 19.41 -23.29
C2A NAD E . -6.08 18.32 -24.04
N3A NAD E . -5.04 17.41 -24.33
C4A NAD E . -3.79 17.75 -23.78
O3 NAD E . 2.81 11.53 -23.62
PN NAD E . 2.34 10.07 -23.04
O1N NAD E . 3.44 9.52 -22.24
O2N NAD E . 1.76 9.29 -24.16
O5D NAD E . 1.20 10.58 -21.99
C5D NAD E . 0.03 9.73 -21.71
C4D NAD E . -0.19 9.57 -20.24
O4D NAD E . 0.79 8.56 -19.70
C3D NAD E . 0.06 10.86 -19.36
O3D NAD E . -1.01 11.06 -18.42
C2D NAD E . 1.38 10.57 -18.64
O2D NAD E . 1.56 11.32 -17.48
C1D NAD E . 1.28 9.02 -18.43
N1N NAD E . 2.58 8.34 -18.11
C2N NAD E . 3.61 8.31 -19.13
C3N NAD E . 4.77 7.65 -18.95
C7N NAD E . 5.85 7.62 -20.03
O7N NAD E . 5.59 8.13 -21.15
N7N NAD E . 7.03 7.05 -19.77
C4N NAD E . 5.04 6.91 -17.65
C5N NAD E . 3.74 6.46 -17.00
C6N NAD E . 2.66 7.39 -17.03
MG MG F . 9.70 0.14 -4.82
MG MG G . -8.79 -2.13 2.51
PA NAD H . -11.33 20.52 12.69
O1A NAD H . -12.35 21.21 11.85
O2A NAD H . -11.63 20.25 14.13
O5B NAD H . -9.98 21.35 12.56
C5B NAD H . -9.58 21.97 11.31
C4B NAD H . -8.69 23.16 11.63
O4B NAD H . -8.39 23.71 10.29
C3B NAD H . -9.38 24.32 12.42
O3B NAD H . -8.55 24.65 13.57
C2B NAD H . -9.50 25.47 11.43
O2B NAD H . -9.48 26.76 11.93
C1B NAD H . -8.38 25.12 10.42
N9A NAD H . -8.68 25.63 9.10
C8A NAD H . -9.66 25.32 8.16
N7A NAD H . -9.57 26.02 7.06
C5A NAD H . -8.53 26.85 7.19
C6A NAD H . -7.93 27.88 6.32
N6A NAD H . -8.40 28.16 5.11
N1A NAD H . -6.83 28.53 6.85
C2A NAD H . -6.31 28.30 8.07
N3A NAD H . -6.82 27.34 8.94
C4A NAD H . -7.94 26.64 8.46
O3 NAD H . -10.96 19.10 12.03
PN NAD H . -10.23 17.74 12.59
O1N NAD H . -11.25 16.68 12.71
O2N NAD H . -9.39 18.11 13.77
O5D NAD H . -9.34 17.37 11.28
C5D NAD H . -7.89 17.61 11.26
C4D NAD H . -7.27 16.90 10.10
O4D NAD H . -7.52 15.43 10.24
C3D NAD H . -7.84 17.27 8.69
O3D NAD H . -6.78 17.40 7.72
C2D NAD H . -8.76 16.10 8.34
O2D NAD H . -8.98 15.99 6.95
C1D NAD H . -8.00 14.88 8.99
N1N NAD H . -8.87 13.69 9.26
C2N NAD H . -9.89 13.83 10.29
C3N NAD H . -10.65 12.79 10.67
C7N NAD H . -11.72 12.93 11.75
O7N NAD H . -12.16 11.90 12.31
N7N NAD H . -12.16 14.16 12.07
C4N NAD H . -10.47 11.40 10.03
C5N NAD H . -9.06 11.25 9.50
C6N NAD H . -8.46 12.38 8.88
PA NAD I . 20.64 -11.45 14.50
O1A NAD I . 21.28 -12.73 14.04
O2A NAD I . 21.52 -10.36 15.04
O5B NAD I . 19.53 -11.85 15.57
C5B NAD I . 18.66 -13.02 15.38
C4B NAD I . 18.40 -13.64 16.74
O4B NAD I . 17.53 -14.80 16.45
C3B NAD I . 19.65 -14.23 17.47
O3B NAD I . 19.76 -13.62 18.81
C2B NAD I . 19.45 -15.74 17.52
O2B NAD I . 19.97 -16.44 18.59
C1B NAD I . 17.92 -15.83 17.35
N9A NAD I . 17.52 -17.08 16.71
C8A NAD I . 17.84 -17.66 15.47
N7A NAD I . 17.25 -18.83 15.27
C5A NAD I . 16.51 -19.09 16.36
C6A NAD I . 15.63 -20.21 16.73
N6A NAD I . 15.42 -21.26 15.95
N1A NAD I . 15.03 -20.09 17.98
C2A NAD I . 15.19 -19.06 18.83
N3A NAD I . 16.01 -17.96 18.52
C4A NAD I . 16.66 -18.02 17.28
O3 NAD I . 19.82 -10.80 13.29
PN NAD I . 19.07 -9.34 13.06
O1N NAD I . 19.62 -8.71 11.85
O2N NAD I . 19.07 -8.63 14.37
O5D NAD I . 17.58 -9.89 12.67
C5D NAD I . 16.43 -9.63 13.53
C4D NAD I . 15.17 -9.55 12.74
O4D NAD I . 15.26 -8.39 11.79
C3D NAD I . 14.87 -10.79 11.80
O3D NAD I . 13.48 -11.18 11.90
C2D NAD I . 15.19 -10.29 10.39
O2D NAD I . 14.55 -11.02 9.38
C1D NAD I . 14.75 -8.79 10.49
N1N NAD I . 15.31 -7.89 9.42
C2N NAD I . 16.70 -7.49 9.54
C3N NAD I . 17.24 -6.61 8.68
C7N NAD I . 18.70 -6.19 8.81
O7N NAD I . 19.16 -5.40 7.96
N7N NAD I . 19.43 -6.65 9.83
C4N NAD I . 16.41 -6.01 7.54
C5N NAD I . 14.93 -6.00 7.89
C6N NAD I . 14.42 -7.13 8.59
#